data_3MEG
#
_entry.id   3MEG
#
_cell.length_a   119.583
_cell.length_b   154.909
_cell.length_c   153.722
_cell.angle_alpha   90.00
_cell.angle_beta   90.00
_cell.angle_gamma   90.00
#
_symmetry.space_group_name_H-M   'C 2 2 21'
#
loop_
_entity.id
_entity.type
_entity.pdbx_description
1 polymer 'p66 Reverse transcriptase'
2 polymer 'p51 Reverse transcriptase'
3 non-polymer 4-{[4-({4-[(E)-2-cyanoethenyl]-2,6-dimethylphenyl}amino)pyrimidin-2-yl]amino}benzonitrile
4 non-polymer 'SULFATE ION'
5 water water
#
loop_
_entity_poly.entity_id
_entity_poly.type
_entity_poly.pdbx_seq_one_letter_code
_entity_poly.pdbx_strand_id
1 'polypeptide(L)'
;PISPIETVPVKLKPGMDGPKVKQWPLTEEKIKALVEICTEMEKEGKISKIGPENPYNTPVFAIKKKDSTKWRKLVDFREL
NKRTQDFWEVQLGIPHPAGLKKNKSVTVLDVGDAYFSVPLDEDFRKYTAFTIPSINNETPGIRYQYNVLPQGWKGSPAIF
QSSMTKILEPFRKQNPDIVIYQYMDDLYVGSDLEIGQHRTKIEELRQHLLRWGLTTPDKKHQKEPPFLWMGYELHPDKWT
VQPIVLPEKDSWTVNDIQKLVGKLNWASQIYPGIKVRQLCKLLRGTKALTEVIPLTEEAELELAENREILKEPVHGVYYD
PSKDLIAEIQKQGQGQWTYQIYQEPFKNLKTGKYARMRGAHTNDVKQLTEAVQKITTESIVIWGKTPKFKLPIQKETWET
WWTEYWQATWIPEWEFVNTPPLVKLWYQLEKEPIVGAETFYVDGAANRETKLGKAGYVTNRGRQKVVTLTDTTNQKTELQ
AIYLALQDSGLEVNIVTDSQYALGIIQAQPDQSESELVNQIIEQLIKKEKVYLAWVPAHKGIGGNEQVDKLVSAGIRKVL
;
A
2 'polypeptide(L)'
;PISPIETVPVKLKPGMDGPKVKQWPLTEEKIKALVEICTEMEKEGKISKIGPENPYNTPVFAIKKKDSTKWRKLVDFREL
NKRTQDFWEVQLGIPHPAGLKKNKSVTVLDVGDAYFSVPLDEDFRKYTAFTIPSINNETPGIRYQYNVLPQGWKGSPAIF
QSSMTKILEPFRKQNPDIVIYQYMDDLYVGSDLEIGQHRTKIEELRQHLLRWGLTTPDKKHQKEPPFLWMGYELHPDKWT
VQPIVLPEKDSWTVNDIQKLVGKLNWASQIYPGIKVRQLCKLLRGTKALTEVIPLTEEAELELAENREILKEPVHGVYYD
PSKDLIAEIQKQGQGQWTYQIYQEPFKNLKTGKYARMRGAHTNDVKQLTEAVQKITTESIVIWGKTPKFKLPIQKETWET
WWTEYWQATWIPEWEFVNTPPLVKLWYQLEKEPIVGAETF
;
B
#
loop_
_chem_comp.id
_chem_comp.type
_chem_comp.name
_chem_comp.formula
SO4 non-polymer 'SULFATE ION' 'O4 S -2'
T27 non-polymer 4-{[4-({4-[(E)-2-cyanoethenyl]-2,6-dimethylphenyl}amino)pyrimidin-2-yl]amino}benzonitrile 'C22 H18 N6'
#
# COMPACT_ATOMS: atom_id res chain seq x y z
N PRO A 1 -16.62 -35.90 20.64
CA PRO A 1 -16.51 -36.59 19.35
C PRO A 1 -15.24 -36.17 18.63
N ILE A 2 -14.89 -36.92 17.58
CA ILE A 2 -13.84 -36.54 16.67
C ILE A 2 -14.49 -36.38 15.29
N SER A 3 -14.65 -35.14 14.86
CA SER A 3 -15.35 -34.88 13.62
C SER A 3 -14.89 -35.84 12.54
N PRO A 4 -15.84 -36.42 11.82
CA PRO A 4 -15.62 -37.26 10.64
C PRO A 4 -15.02 -36.54 9.43
N ILE A 5 -14.76 -35.24 9.55
CA ILE A 5 -14.16 -34.50 8.44
C ILE A 5 -12.83 -35.12 7.96
N GLU A 6 -12.46 -34.83 6.73
CA GLU A 6 -11.17 -35.25 6.15
C GLU A 6 -10.07 -34.47 6.88
N THR A 7 -8.83 -34.96 6.88
CA THR A 7 -7.78 -34.21 7.59
C THR A 7 -6.96 -33.32 6.67
N VAL A 8 -6.27 -32.35 7.27
CA VAL A 8 -5.36 -31.50 6.53
C VAL A 8 -3.96 -32.08 6.62
N PRO A 9 -3.34 -32.39 5.47
CA PRO A 9 -1.96 -32.88 5.47
C PRO A 9 -1.04 -31.80 5.98
N VAL A 10 -0.07 -32.18 6.79
CA VAL A 10 0.87 -31.21 7.31
C VAL A 10 2.24 -31.84 7.31
N LYS A 11 3.27 -31.00 7.15
CA LYS A 11 4.65 -31.48 7.10
C LYS A 11 5.53 -30.56 7.94
N LEU A 12 6.64 -31.08 8.43
CA LEU A 12 7.62 -30.25 9.12
C LEU A 12 8.34 -29.44 8.06
N LYS A 13 8.88 -28.29 8.47
CA LYS A 13 9.65 -27.48 7.55
C LYS A 13 10.64 -28.34 6.79
N PRO A 14 11.03 -27.92 5.57
CA PRO A 14 11.68 -28.78 4.57
C PRO A 14 12.97 -29.48 5.04
N GLY A 15 13.76 -28.79 5.88
CA GLY A 15 14.98 -29.37 6.38
C GLY A 15 14.75 -30.50 7.37
N MET A 16 14.06 -30.19 8.46
CA MET A 16 14.13 -30.97 9.70
C MET A 16 13.21 -32.20 9.84
N ASP A 17 13.31 -32.86 10.99
CA ASP A 17 12.32 -33.85 11.43
C ASP A 17 11.88 -33.57 12.87
N GLY A 18 10.94 -34.39 13.35
CA GLY A 18 10.26 -34.09 14.61
C GLY A 18 11.16 -33.87 15.80
N PRO A 19 10.68 -33.20 16.85
CA PRO A 19 11.55 -32.90 17.98
C PRO A 19 11.94 -34.19 18.70
N LYS A 20 13.05 -34.12 19.43
CA LYS A 20 13.47 -35.23 20.30
C LYS A 20 13.93 -34.65 21.64
N VAL A 21 12.97 -34.24 22.46
CA VAL A 21 13.27 -33.56 23.72
C VAL A 21 13.10 -34.53 24.90
N LYS A 22 14.07 -34.52 25.81
CA LYS A 22 14.04 -35.34 27.01
C LYS A 22 12.99 -34.78 27.98
N GLN A 23 12.25 -35.68 28.64
CA GLN A 23 11.25 -35.29 29.62
C GLN A 23 11.86 -35.00 31.01
N TRP A 24 11.66 -33.77 31.50
CA TRP A 24 12.03 -33.43 32.88
C TRP A 24 11.24 -34.33 33.83
N PRO A 25 11.89 -34.80 34.91
CA PRO A 25 11.17 -35.57 35.92
C PRO A 25 10.22 -34.69 36.71
N LEU A 26 9.05 -35.24 37.06
CA LEU A 26 7.99 -34.47 37.69
C LEU A 26 7.64 -35.04 39.07
N THR A 27 7.17 -34.18 39.99
CA THR A 27 6.77 -34.65 41.31
C THR A 27 5.71 -35.77 41.25
N GLU A 28 5.63 -36.54 42.34
CA GLU A 28 4.92 -37.82 42.32
C GLU A 28 3.44 -37.64 42.00
N GLU A 29 2.92 -36.44 42.24
CA GLU A 29 1.50 -36.18 42.13
C GLU A 29 1.13 -35.54 40.79
N LYS A 30 2.01 -34.67 40.28
CA LYS A 30 1.90 -34.17 38.92
C LYS A 30 1.88 -35.37 38.00
N ILE A 31 2.68 -36.39 38.33
CA ILE A 31 2.67 -37.65 37.61
C ILE A 31 1.32 -38.35 37.74
N LYS A 32 0.72 -38.25 38.91
CA LYS A 32 -0.56 -38.91 39.13
C LYS A 32 -1.64 -38.24 38.27
N ALA A 33 -1.67 -36.91 38.31
CA ALA A 33 -2.62 -36.14 37.52
C ALA A 33 -2.54 -36.45 36.02
N LEU A 34 -1.36 -36.32 35.42
CA LEU A 34 -1.19 -36.65 34.02
C LEU A 34 -1.76 -38.01 33.64
N VAL A 35 -1.59 -39.01 34.50
CA VAL A 35 -2.10 -40.34 34.16
C VAL A 35 -3.62 -40.35 34.16
N GLU A 36 -4.22 -39.62 35.10
CA GLU A 36 -5.67 -39.56 35.18
C GLU A 36 -6.21 -38.91 33.92
N ILE A 37 -5.72 -37.71 33.62
CA ILE A 37 -6.05 -37.01 32.39
C ILE A 37 -5.91 -37.85 31.11
N CYS A 38 -4.76 -38.44 30.90
CA CYS A 38 -4.52 -39.14 29.65
C CYS A 38 -5.36 -40.40 29.47
N THR A 39 -5.70 -41.05 30.58
CA THR A 39 -6.67 -42.15 30.55
C THR A 39 -8.03 -41.65 30.09
N GLU A 40 -8.48 -40.54 30.66
CA GLU A 40 -9.70 -39.89 30.21
C GLU A 40 -9.64 -39.70 28.70
N MET A 41 -8.71 -38.85 28.27
CA MET A 41 -8.54 -38.50 26.86
C MET A 41 -8.44 -39.72 25.95
N GLU A 42 -7.71 -40.73 26.40
CA GLU A 42 -7.46 -41.90 25.58
C GLU A 42 -8.75 -42.59 25.18
N LYS A 43 -9.70 -42.63 26.11
CA LYS A 43 -10.96 -43.34 25.91
C LYS A 43 -11.87 -42.59 24.93
N GLU A 44 -11.49 -41.36 24.62
CA GLU A 44 -12.30 -40.49 23.78
C GLU A 44 -11.74 -40.47 22.37
N GLY A 45 -10.49 -40.94 22.23
CA GLY A 45 -9.84 -40.94 20.94
C GLY A 45 -8.77 -39.88 20.82
N LYS A 46 -8.83 -38.88 21.70
CA LYS A 46 -7.97 -37.71 21.59
C LYS A 46 -6.49 -38.11 21.51
N ILE A 47 -6.11 -39.13 22.28
CA ILE A 47 -4.72 -39.62 22.25
C ILE A 47 -4.66 -41.14 22.14
N SER A 48 -3.49 -41.65 21.76
CA SER A 48 -3.30 -43.10 21.69
C SER A 48 -1.93 -43.58 22.17
N LYS A 49 -1.92 -44.64 22.97
CA LYS A 49 -0.70 -45.17 23.55
C LYS A 49 0.15 -45.77 22.43
N ILE A 50 1.46 -45.60 22.51
CA ILE A 50 2.32 -46.01 21.41
C ILE A 50 3.53 -46.82 21.87
N GLY A 51 3.95 -47.76 21.04
CA GLY A 51 5.20 -48.44 21.27
C GLY A 51 6.42 -47.56 21.04
N PRO A 52 7.39 -47.56 21.99
CA PRO A 52 8.61 -46.73 21.95
C PRO A 52 9.62 -47.08 20.84
N GLU A 53 9.13 -47.49 19.67
CA GLU A 53 9.94 -47.41 18.45
C GLU A 53 9.90 -45.98 17.91
N ASN A 54 8.83 -45.26 18.27
CA ASN A 54 8.64 -43.86 17.92
C ASN A 54 9.67 -42.96 18.63
N PRO A 55 10.64 -42.45 17.86
CA PRO A 55 11.80 -41.65 18.30
C PRO A 55 11.43 -40.33 18.96
N TYR A 56 10.25 -39.84 18.65
CA TYR A 56 9.95 -38.44 18.94
C TYR A 56 9.44 -38.23 20.34
N ASN A 57 9.78 -37.09 20.91
CA ASN A 57 9.24 -36.74 22.21
C ASN A 57 9.09 -35.24 22.36
N THR A 58 8.14 -34.86 23.21
CA THR A 58 7.88 -33.47 23.55
C THR A 58 7.54 -33.45 25.04
N PRO A 59 8.10 -32.50 25.79
CA PRO A 59 7.86 -32.43 27.24
C PRO A 59 6.41 -32.23 27.61
N VAL A 60 6.05 -32.54 28.85
CA VAL A 60 4.68 -32.32 29.30
C VAL A 60 4.59 -32.07 30.80
N PHE A 61 3.91 -31.00 31.18
CA PHE A 61 3.83 -30.57 32.59
C PHE A 61 2.37 -30.52 33.03
N ALA A 62 2.13 -30.19 34.29
CA ALA A 62 0.76 -30.07 34.78
C ALA A 62 0.66 -29.05 35.88
N ILE A 63 0.10 -27.88 35.56
CA ILE A 63 -0.02 -26.81 36.54
C ILE A 63 -1.31 -26.95 37.32
N LYS A 64 -1.23 -26.70 38.62
CA LYS A 64 -2.37 -26.90 39.52
C LYS A 64 -3.38 -25.78 39.27
N LYS A 65 -4.33 -26.06 38.39
CA LYS A 65 -5.17 -25.05 37.76
C LYS A 65 -5.37 -23.79 38.61
N LYS A 66 -6.51 -23.72 39.28
CA LYS A 66 -6.81 -22.61 40.17
C LYS A 66 -6.86 -23.09 41.63
N ASP A 67 -7.27 -22.19 42.52
CA ASP A 67 -7.54 -22.58 43.90
C ASP A 67 -8.58 -23.69 43.91
N SER A 68 -9.45 -23.68 42.91
CA SER A 68 -10.34 -24.82 42.68
C SER A 68 -9.47 -26.02 42.28
N THR A 69 -9.26 -26.91 43.24
CA THR A 69 -8.26 -27.94 43.11
C THR A 69 -8.63 -29.01 42.09
N LYS A 70 -8.46 -28.66 40.82
CA LYS A 70 -8.30 -29.67 39.78
C LYS A 70 -6.98 -29.38 39.07
N TRP A 71 -6.56 -30.33 38.25
CA TRP A 71 -5.29 -30.24 37.53
C TRP A 71 -5.51 -30.07 36.04
N ARG A 72 -4.57 -29.42 35.37
CA ARG A 72 -4.63 -29.28 33.93
C ARG A 72 -3.33 -29.68 33.26
N LYS A 73 -3.44 -30.37 32.13
CA LYS A 73 -2.29 -30.88 31.42
C LYS A 73 -1.79 -29.90 30.34
N LEU A 74 -0.58 -29.39 30.56
CA LEU A 74 0.07 -28.54 29.57
C LEU A 74 1.15 -29.29 28.81
N VAL A 75 1.24 -29.02 27.52
CA VAL A 75 2.32 -29.57 26.72
C VAL A 75 3.18 -28.48 26.11
N ASP A 76 4.45 -28.79 25.87
CA ASP A 76 5.35 -27.79 25.36
C ASP A 76 5.69 -28.07 23.92
N PHE A 77 5.02 -27.37 23.02
CA PHE A 77 5.23 -27.59 21.60
C PHE A 77 6.24 -26.57 21.02
N ARG A 78 6.89 -25.80 21.90
CA ARG A 78 7.96 -24.92 21.47
C ARG A 78 8.77 -25.54 20.34
N GLU A 79 9.17 -26.78 20.49
CA GLU A 79 10.08 -27.37 19.52
C GLU A 79 9.43 -27.99 18.31
N LEU A 80 8.25 -28.59 18.47
CA LEU A 80 7.58 -29.14 17.29
C LEU A 80 7.20 -27.94 16.45
N ASN A 81 6.69 -26.91 17.12
CA ASN A 81 6.25 -25.70 16.45
C ASN A 81 7.36 -25.07 15.62
N LYS A 82 8.54 -24.91 16.20
CA LYS A 82 9.66 -24.32 15.50
C LYS A 82 9.92 -25.09 14.23
N ARG A 83 9.62 -26.38 14.25
CA ARG A 83 9.98 -27.27 13.15
C ARG A 83 8.80 -27.62 12.25
N THR A 84 7.67 -26.94 12.45
CA THR A 84 6.48 -27.20 11.67
C THR A 84 6.26 -26.13 10.61
N GLN A 85 5.62 -26.53 9.51
CA GLN A 85 5.42 -25.62 8.41
C GLN A 85 4.56 -24.45 8.81
N ASP A 86 4.72 -23.35 8.08
CA ASP A 86 3.87 -22.17 8.23
C ASP A 86 2.52 -22.42 7.57
N PHE A 87 1.45 -21.89 8.17
CA PHE A 87 0.10 -22.08 7.66
C PHE A 87 -0.49 -20.77 7.17
N TRP A 88 -1.60 -20.86 6.42
CA TRP A 88 -2.34 -19.66 6.07
C TRP A 88 -2.80 -18.94 7.32
N GLU A 89 -2.41 -17.67 7.47
CA GLU A 89 -2.83 -16.89 8.62
C GLU A 89 -4.33 -17.00 8.88
N VAL A 90 -4.67 -17.47 10.07
CA VAL A 90 -6.04 -17.85 10.42
C VAL A 90 -7.08 -16.92 9.79
N GLN A 91 -7.47 -15.89 10.55
CA GLN A 91 -8.12 -14.73 9.97
C GLN A 91 -7.33 -13.51 10.39
N LEU A 92 -6.77 -12.78 9.42
CA LEU A 92 -6.14 -11.53 9.77
C LEU A 92 -6.86 -10.36 9.11
N GLY A 93 -7.33 -9.44 9.96
CA GLY A 93 -8.45 -8.58 9.60
C GLY A 93 -9.68 -8.98 10.40
N ILE A 94 -10.37 -8.01 10.98
CA ILE A 94 -11.49 -8.29 11.86
C ILE A 94 -12.70 -7.43 11.56
N PRO A 95 -13.89 -8.03 11.61
CA PRO A 95 -15.06 -7.27 11.18
C PRO A 95 -15.33 -6.08 12.11
N HIS A 96 -15.65 -4.95 11.52
CA HIS A 96 -16.07 -3.81 12.32
C HIS A 96 -17.59 -3.83 12.45
N PRO A 97 -18.10 -3.57 13.66
CA PRO A 97 -19.55 -3.51 13.85
C PRO A 97 -20.24 -2.66 12.78
N ALA A 98 -19.70 -1.48 12.54
CA ALA A 98 -20.34 -0.48 11.67
C ALA A 98 -20.60 -1.06 10.27
N GLY A 99 -19.96 -2.20 10.01
CA GLY A 99 -20.11 -2.87 8.74
C GLY A 99 -21.18 -3.96 8.76
N LEU A 100 -21.67 -4.30 9.95
CA LEU A 100 -22.66 -5.36 10.07
C LEU A 100 -24.02 -4.88 9.63
N LYS A 101 -24.77 -5.76 8.97
CA LYS A 101 -26.15 -5.46 8.66
C LYS A 101 -27.03 -5.75 9.89
N LYS A 102 -28.05 -4.91 10.08
CA LYS A 102 -29.01 -5.08 11.17
C LYS A 102 -29.68 -6.47 11.09
N ASN A 103 -29.97 -7.05 12.25
CA ASN A 103 -30.56 -8.39 12.32
C ASN A 103 -31.60 -8.51 13.42
N LYS A 104 -32.65 -9.28 13.13
CA LYS A 104 -33.83 -9.34 14.01
C LYS A 104 -33.51 -10.08 15.30
N SER A 105 -32.89 -11.25 15.17
CA SER A 105 -32.53 -12.05 16.32
C SER A 105 -31.15 -12.69 16.16
N VAL A 106 -30.40 -12.74 17.26
CA VAL A 106 -29.03 -13.22 17.26
C VAL A 106 -28.82 -14.26 18.35
N THR A 107 -28.07 -15.32 18.03
CA THR A 107 -27.73 -16.33 19.03
C THR A 107 -26.25 -16.70 19.01
N VAL A 108 -25.70 -16.89 20.20
CA VAL A 108 -24.33 -17.39 20.32
C VAL A 108 -24.36 -18.90 20.61
N LEU A 109 -23.49 -19.65 19.94
CA LEU A 109 -23.27 -21.05 20.26
C LEU A 109 -21.77 -21.31 20.39
N ASP A 110 -21.38 -22.00 21.46
CA ASP A 110 -19.97 -22.27 21.71
C ASP A 110 -19.61 -23.75 21.48
N VAL A 111 -18.62 -23.99 20.64
CA VAL A 111 -18.11 -25.34 20.40
C VAL A 111 -17.39 -25.88 21.64
N GLY A 112 -17.60 -27.16 21.94
CA GLY A 112 -16.97 -27.78 23.08
C GLY A 112 -15.78 -28.61 22.65
N ASP A 113 -14.67 -28.47 23.37
CA ASP A 113 -13.39 -29.12 23.05
C ASP A 113 -13.00 -28.99 21.57
N ALA A 114 -13.44 -27.91 20.93
CA ALA A 114 -13.11 -27.54 19.56
C ALA A 114 -11.86 -28.20 18.97
N TYR A 115 -10.74 -28.09 19.69
CA TYR A 115 -9.44 -28.55 19.18
C TYR A 115 -9.38 -30.07 19.19
N PHE A 116 -9.83 -30.67 20.29
CA PHE A 116 -9.78 -32.12 20.40
C PHE A 116 -10.91 -32.79 19.61
N SER A 117 -11.76 -31.97 19.00
CA SER A 117 -12.85 -32.45 18.17
C SER A 117 -12.45 -32.59 16.71
N VAL A 118 -11.30 -32.06 16.34
CA VAL A 118 -10.82 -32.18 14.96
C VAL A 118 -9.62 -33.10 14.83
N PRO A 119 -9.67 -34.03 13.88
CA PRO A 119 -8.59 -35.00 13.64
C PRO A 119 -7.28 -34.39 13.18
N LEU A 120 -6.20 -35.07 13.51
CA LEU A 120 -4.86 -34.72 13.05
C LEU A 120 -4.46 -35.62 11.90
N ASP A 121 -3.58 -35.12 11.03
CA ASP A 121 -3.09 -35.83 9.84
C ASP A 121 -2.24 -37.01 10.26
N GLU A 122 -2.60 -38.22 9.81
CA GLU A 122 -1.90 -39.43 10.22
C GLU A 122 -0.41 -39.25 10.21
N ASP A 123 0.13 -38.93 9.05
CA ASP A 123 1.57 -38.98 8.83
C ASP A 123 2.26 -38.09 9.82
N PHE A 124 1.48 -37.26 10.50
CA PHE A 124 2.05 -36.25 11.39
C PHE A 124 1.86 -36.57 12.88
N ARG A 125 0.91 -37.45 13.20
CA ARG A 125 0.65 -37.77 14.61
C ARG A 125 1.91 -38.18 15.35
N LYS A 126 2.68 -39.07 14.72
CA LYS A 126 3.95 -39.56 15.29
C LYS A 126 4.77 -38.47 15.98
N TYR A 127 4.82 -37.28 15.40
CA TYR A 127 5.68 -36.23 15.94
C TYR A 127 5.06 -35.57 17.15
N THR A 128 3.84 -35.96 17.53
CA THR A 128 3.16 -35.32 18.65
C THR A 128 3.17 -36.22 19.87
N ALA A 129 4.13 -37.12 19.90
CA ALA A 129 4.22 -38.16 20.93
C ALA A 129 4.93 -37.66 22.15
N PHE A 130 4.25 -37.61 23.29
CA PHE A 130 4.87 -37.20 24.54
C PHE A 130 5.04 -38.37 25.50
N THR A 131 5.56 -38.07 26.70
CA THR A 131 5.90 -39.11 27.67
C THR A 131 5.55 -38.73 29.11
N ILE A 132 4.77 -39.58 29.78
CA ILE A 132 4.49 -39.42 31.21
C ILE A 132 5.56 -40.17 32.03
N PRO A 133 6.41 -39.43 32.75
CA PRO A 133 7.61 -40.01 33.38
C PRO A 133 7.21 -40.97 34.52
N SER A 134 8.04 -41.98 34.78
CA SER A 134 7.77 -42.86 35.92
C SER A 134 8.25 -42.22 37.23
N ILE A 135 7.74 -42.72 38.35
CA ILE A 135 7.98 -42.09 39.65
C ILE A 135 9.48 -42.10 40.00
N ASN A 136 10.03 -40.92 40.29
CA ASN A 136 11.47 -40.71 40.39
C ASN A 136 12.19 -41.19 39.13
N ASN A 137 11.41 -41.38 38.08
CA ASN A 137 11.93 -41.57 36.71
C ASN A 137 12.70 -42.86 36.50
N GLU A 138 12.50 -43.84 37.38
CA GLU A 138 13.34 -45.04 37.39
C GLU A 138 13.05 -46.00 36.23
N THR A 139 11.86 -45.93 35.64
CA THR A 139 11.50 -46.82 34.53
C THR A 139 10.91 -46.07 33.35
N PRO A 140 10.63 -46.78 32.24
CA PRO A 140 10.01 -46.18 31.06
C PRO A 140 8.68 -45.52 31.34
N GLY A 141 8.49 -44.31 30.81
CA GLY A 141 7.21 -43.64 30.95
C GLY A 141 6.18 -44.20 29.99
N ILE A 142 4.92 -43.87 30.24
CA ILE A 142 3.87 -44.16 29.27
C ILE A 142 3.98 -43.15 28.14
N ARG A 143 3.67 -43.61 26.93
CA ARG A 143 3.80 -42.76 25.78
C ARG A 143 2.52 -42.74 24.97
N TYR A 144 2.02 -41.53 24.73
CA TYR A 144 0.88 -41.33 23.85
C TYR A 144 1.29 -40.47 22.65
N GLN A 145 0.45 -40.49 21.61
CA GLN A 145 0.55 -39.50 20.55
C GLN A 145 -0.83 -38.92 20.32
N TYR A 146 -0.88 -37.69 19.84
CA TYR A 146 -2.16 -37.05 19.56
C TYR A 146 -2.83 -37.60 18.31
N ASN A 147 -4.16 -37.70 18.37
CA ASN A 147 -4.99 -38.07 17.23
C ASN A 147 -5.77 -36.86 16.72
N VAL A 148 -6.11 -35.98 17.65
CA VAL A 148 -6.78 -34.73 17.34
C VAL A 148 -5.76 -33.58 17.40
N LEU A 149 -6.23 -32.35 17.15
CA LEU A 149 -5.37 -31.17 17.22
C LEU A 149 -5.04 -30.79 18.66
N PRO A 150 -3.75 -30.88 19.03
CA PRO A 150 -3.29 -30.47 20.36
C PRO A 150 -3.42 -28.96 20.52
N GLN A 151 -3.77 -28.52 21.73
CA GLN A 151 -3.73 -27.08 22.07
C GLN A 151 -2.27 -26.69 22.14
N GLY A 152 -1.94 -25.53 21.61
CA GLY A 152 -0.56 -25.07 21.69
C GLY A 152 0.31 -25.48 20.52
N TRP A 153 -0.19 -26.34 19.66
CA TRP A 153 0.52 -26.64 18.43
C TRP A 153 0.32 -25.52 17.43
N LYS A 154 1.19 -25.49 16.42
CA LYS A 154 1.32 -24.36 15.52
C LYS A 154 0.14 -24.26 14.57
N GLY A 155 -0.35 -25.42 14.13
CA GLY A 155 -1.31 -25.46 13.04
C GLY A 155 -2.75 -25.59 13.51
N SER A 156 -2.95 -25.61 14.82
CA SER A 156 -4.25 -25.93 15.36
C SER A 156 -5.32 -24.91 15.01
N PRO A 157 -5.06 -23.61 15.28
CA PRO A 157 -6.03 -22.57 14.93
C PRO A 157 -6.37 -22.51 13.43
N ALA A 158 -5.38 -22.78 12.59
CA ALA A 158 -5.58 -22.78 11.15
C ALA A 158 -6.50 -23.93 10.69
N ILE A 159 -6.08 -25.17 10.95
CA ILE A 159 -6.81 -26.38 10.59
C ILE A 159 -8.23 -26.34 11.18
N PHE A 160 -8.36 -25.88 12.42
CA PHE A 160 -9.66 -25.89 13.07
C PHE A 160 -10.63 -24.97 12.36
N GLN A 161 -10.15 -23.75 12.10
CA GLN A 161 -10.98 -22.72 11.51
C GLN A 161 -11.35 -23.20 10.12
N SER A 162 -10.42 -23.90 9.49
CA SER A 162 -10.68 -24.35 8.14
C SER A 162 -11.72 -25.44 8.17
N SER A 163 -11.60 -26.32 9.15
CA SER A 163 -12.49 -27.47 9.21
C SER A 163 -13.89 -26.93 9.44
N MET A 164 -14.00 -25.97 10.36
CA MET A 164 -15.29 -25.43 10.73
C MET A 164 -15.94 -24.72 9.53
N THR A 165 -15.11 -24.17 8.65
CA THR A 165 -15.64 -23.55 7.46
C THR A 165 -16.12 -24.61 6.49
N LYS A 166 -15.32 -25.66 6.31
CA LYS A 166 -15.70 -26.76 5.43
C LYS A 166 -17.05 -27.37 5.87
N ILE A 167 -17.28 -27.47 7.18
CA ILE A 167 -18.51 -28.04 7.77
C ILE A 167 -19.72 -27.10 7.67
N LEU A 168 -19.46 -25.79 7.68
CA LEU A 168 -20.54 -24.80 7.66
C LEU A 168 -21.00 -24.51 6.24
N GLU A 169 -20.07 -24.65 5.31
CA GLU A 169 -20.32 -24.43 3.90
C GLU A 169 -21.73 -24.85 3.47
N PRO A 170 -22.14 -26.10 3.79
CA PRO A 170 -23.46 -26.60 3.38
C PRO A 170 -24.59 -25.71 3.91
N PHE A 171 -24.58 -25.50 5.22
CA PHE A 171 -25.63 -24.75 5.87
C PHE A 171 -25.71 -23.35 5.30
N ARG A 172 -24.57 -22.68 5.21
CA ARG A 172 -24.52 -21.31 4.69
C ARG A 172 -25.09 -21.24 3.29
N LYS A 173 -24.77 -22.23 2.48
CA LYS A 173 -25.21 -22.26 1.08
C LYS A 173 -26.70 -22.50 1.00
N GLN A 174 -27.21 -23.36 1.87
CA GLN A 174 -28.63 -23.68 1.86
C GLN A 174 -29.42 -22.71 2.74
N ASN A 175 -28.79 -21.61 3.13
CA ASN A 175 -29.41 -20.62 4.01
C ASN A 175 -28.68 -19.27 3.92
N PRO A 176 -28.58 -18.68 2.72
CA PRO A 176 -27.77 -17.47 2.50
C PRO A 176 -28.27 -16.19 3.14
N ASP A 177 -29.38 -16.27 3.88
CA ASP A 177 -29.92 -15.09 4.57
C ASP A 177 -29.66 -15.08 6.07
N ILE A 178 -29.41 -16.26 6.61
CA ILE A 178 -28.95 -16.36 7.99
C ILE A 178 -27.45 -16.14 8.00
N VAL A 179 -26.96 -15.51 9.06
CA VAL A 179 -25.56 -15.15 9.13
C VAL A 179 -24.81 -15.85 10.26
N ILE A 180 -23.64 -16.41 9.93
CA ILE A 180 -22.79 -17.05 10.93
C ILE A 180 -21.51 -16.25 11.00
N TYR A 181 -21.00 -15.99 12.21
CA TYR A 181 -19.61 -15.60 12.28
C TYR A 181 -18.81 -16.56 13.13
N GLN A 182 -17.72 -17.03 12.57
CA GLN A 182 -16.77 -17.85 13.30
C GLN A 182 -15.61 -17.02 13.83
N TYR A 183 -15.61 -16.80 15.14
CA TYR A 183 -14.41 -16.33 15.81
C TYR A 183 -13.89 -17.41 16.76
N MET A 184 -12.79 -18.03 16.36
CA MET A 184 -12.20 -19.13 17.10
C MET A 184 -13.23 -20.25 17.32
N ASP A 185 -13.37 -20.68 18.58
CA ASP A 185 -14.35 -21.71 18.94
C ASP A 185 -15.72 -21.12 19.27
N ASP A 186 -15.98 -19.89 18.81
CA ASP A 186 -17.31 -19.30 18.94
C ASP A 186 -18.03 -19.29 17.58
N LEU A 187 -19.34 -19.52 17.62
CA LEU A 187 -20.20 -19.29 16.48
C LEU A 187 -21.34 -18.38 16.90
N TYR A 188 -21.51 -17.26 16.20
CA TYR A 188 -22.71 -16.46 16.38
C TYR A 188 -23.62 -16.58 15.18
N VAL A 189 -24.92 -16.61 15.46
CA VAL A 189 -25.90 -16.88 14.43
C VAL A 189 -26.92 -15.74 14.27
N GLY A 190 -26.88 -15.11 13.11
CA GLY A 190 -27.70 -13.93 12.90
C GLY A 190 -28.83 -14.19 11.94
N SER A 191 -30.02 -13.75 12.32
CA SER A 191 -31.19 -13.95 11.47
C SER A 191 -32.18 -12.79 11.56
N ASP A 192 -32.85 -12.52 10.44
CA ASP A 192 -33.96 -11.58 10.43
C ASP A 192 -35.31 -12.30 10.45
N LEU A 193 -35.40 -13.30 11.32
CA LEU A 193 -36.64 -14.04 11.54
C LEU A 193 -37.08 -13.91 13.00
N GLU A 194 -38.29 -14.41 13.30
CA GLU A 194 -38.90 -14.27 14.62
C GLU A 194 -38.42 -15.35 15.58
N ILE A 195 -38.62 -15.12 16.87
CA ILE A 195 -38.05 -15.95 17.92
C ILE A 195 -38.35 -17.45 17.74
N GLY A 196 -39.32 -17.78 16.89
CA GLY A 196 -39.65 -19.17 16.66
C GLY A 196 -38.94 -19.77 15.44
N GLN A 197 -39.15 -19.15 14.29
CA GLN A 197 -38.47 -19.52 13.05
C GLN A 197 -36.96 -19.64 13.27
N HIS A 198 -36.45 -18.80 14.16
CA HIS A 198 -35.04 -18.64 14.39
C HIS A 198 -34.49 -19.78 15.25
N ARG A 199 -35.13 -20.03 16.39
CA ARG A 199 -34.81 -21.18 17.22
C ARG A 199 -34.91 -22.44 16.39
N THR A 200 -35.77 -22.39 15.38
CA THR A 200 -35.95 -23.48 14.45
C THR A 200 -34.69 -23.76 13.64
N LYS A 201 -34.22 -22.75 12.91
CA LYS A 201 -33.08 -22.92 12.03
C LYS A 201 -31.79 -23.04 12.84
N ILE A 202 -31.81 -22.46 14.04
CA ILE A 202 -30.73 -22.67 14.99
C ILE A 202 -30.61 -24.14 15.33
N GLU A 203 -31.73 -24.75 15.68
CA GLU A 203 -31.72 -26.10 16.23
C GLU A 203 -31.33 -27.13 15.18
N GLU A 204 -31.53 -26.80 13.91
CA GLU A 204 -31.10 -27.69 12.85
C GLU A 204 -29.70 -27.36 12.32
N LEU A 205 -29.20 -26.18 12.65
CA LEU A 205 -27.76 -25.89 12.55
C LEU A 205 -27.07 -26.85 13.53
N ARG A 206 -27.46 -26.79 14.80
CA ARG A 206 -26.95 -27.71 15.81
C ARG A 206 -26.97 -29.17 15.33
N GLN A 207 -28.11 -29.60 14.80
CA GLN A 207 -28.22 -30.96 14.27
C GLN A 207 -27.16 -31.17 13.19
N HIS A 208 -27.08 -30.24 12.23
CA HIS A 208 -26.06 -30.35 11.19
C HIS A 208 -24.68 -30.40 11.81
N LEU A 209 -24.54 -29.76 12.97
CA LEU A 209 -23.26 -29.59 13.62
C LEU A 209 -22.86 -30.87 14.34
N LEU A 210 -23.83 -31.53 14.94
CA LEU A 210 -23.54 -32.74 15.66
C LEU A 210 -23.34 -33.89 14.69
N ARG A 211 -23.91 -33.77 13.50
CA ARG A 211 -23.71 -34.77 12.47
C ARG A 211 -22.22 -34.80 12.12
N TRP A 212 -21.49 -33.76 12.53
CA TRP A 212 -20.07 -33.58 12.15
C TRP A 212 -19.11 -33.54 13.33
N GLY A 213 -19.59 -33.93 14.49
CA GLY A 213 -18.69 -34.13 15.61
C GLY A 213 -18.65 -32.97 16.57
N LEU A 214 -19.47 -31.96 16.34
CA LEU A 214 -19.37 -30.75 17.13
C LEU A 214 -20.60 -30.52 17.95
N THR A 215 -20.42 -30.49 19.27
CA THR A 215 -21.53 -30.29 20.19
C THR A 215 -21.68 -28.82 20.57
N THR A 216 -22.92 -28.41 20.86
CA THR A 216 -23.24 -27.01 21.09
C THR A 216 -24.16 -26.80 22.28
N PRO A 217 -24.09 -25.62 22.91
CA PRO A 217 -24.90 -25.35 24.10
C PRO A 217 -26.41 -25.52 23.79
N ASP A 218 -27.09 -26.24 24.68
CA ASP A 218 -28.51 -26.53 24.48
C ASP A 218 -29.29 -25.24 24.31
N LYS A 219 -30.45 -25.32 23.67
CA LYS A 219 -31.29 -24.16 23.44
C LYS A 219 -31.75 -23.53 24.76
N LYS A 220 -31.27 -24.07 25.88
CA LYS A 220 -31.71 -23.65 27.21
C LYS A 220 -30.74 -22.73 27.93
N HIS A 221 -29.47 -22.76 27.54
CA HIS A 221 -28.43 -22.03 28.25
C HIS A 221 -27.27 -21.67 27.32
N GLN A 222 -26.78 -20.44 27.41
CA GLN A 222 -27.25 -19.47 28.42
C GLN A 222 -27.12 -18.00 27.98
N LYS A 223 -26.83 -17.75 26.70
CA LYS A 223 -26.51 -16.40 26.26
C LYS A 223 -27.52 -15.69 25.38
N GLU A 224 -27.95 -14.52 25.85
CA GLU A 224 -28.81 -13.61 25.10
C GLU A 224 -28.08 -12.28 24.91
N PRO A 225 -28.31 -11.60 23.78
CA PRO A 225 -27.74 -10.26 23.54
C PRO A 225 -28.28 -9.27 24.58
N PRO A 226 -27.49 -8.24 24.95
CA PRO A 226 -26.22 -7.78 24.37
C PRO A 226 -25.00 -8.68 24.56
N PHE A 227 -24.15 -8.71 23.54
CA PHE A 227 -22.92 -9.46 23.57
C PHE A 227 -21.73 -8.51 23.68
N LEU A 228 -20.75 -8.87 24.50
CA LEU A 228 -19.46 -8.21 24.50
C LEU A 228 -18.58 -8.94 23.49
N TRP A 229 -17.83 -8.21 22.67
CA TRP A 229 -16.97 -8.86 21.68
C TRP A 229 -15.86 -8.00 21.11
N MET A 230 -14.62 -8.39 21.38
CA MET A 230 -13.47 -7.67 20.87
C MET A 230 -13.52 -6.21 21.29
N GLY A 231 -14.25 -5.92 22.37
CA GLY A 231 -14.25 -4.59 22.94
C GLY A 231 -15.55 -3.85 22.72
N TYR A 232 -16.47 -4.50 22.00
CA TYR A 232 -17.71 -3.86 21.56
C TYR A 232 -18.91 -4.41 22.31
N GLU A 233 -20.04 -3.74 22.16
CA GLU A 233 -21.28 -4.22 22.72
C GLU A 233 -22.36 -4.28 21.65
N LEU A 234 -22.60 -5.46 21.08
CA LEU A 234 -23.54 -5.55 19.98
C LEU A 234 -24.97 -5.80 20.42
N HIS A 235 -25.89 -4.97 19.98
CA HIS A 235 -27.31 -5.26 20.06
C HIS A 235 -27.77 -5.54 18.63
N PRO A 236 -28.96 -6.14 18.48
CA PRO A 236 -29.42 -6.54 17.14
C PRO A 236 -29.64 -5.36 16.19
N ASP A 237 -29.74 -4.16 16.76
CA ASP A 237 -30.18 -2.95 16.08
C ASP A 237 -29.07 -1.88 16.08
N LYS A 238 -28.29 -1.84 17.15
CA LYS A 238 -27.23 -0.87 17.29
C LYS A 238 -26.01 -1.52 17.92
N TRP A 239 -24.90 -0.80 17.94
CA TRP A 239 -23.69 -1.28 18.57
C TRP A 239 -23.05 -0.08 19.23
N THR A 240 -22.13 -0.36 20.16
CA THR A 240 -21.28 0.67 20.73
C THR A 240 -20.02 0.02 21.26
N VAL A 241 -19.08 0.85 21.71
CA VAL A 241 -17.94 0.34 22.44
C VAL A 241 -18.39 0.00 23.86
N GLN A 242 -17.76 -0.99 24.47
CA GLN A 242 -18.17 -1.46 25.79
C GLN A 242 -17.75 -0.47 26.86
N PRO A 243 -18.44 -0.48 28.01
CA PRO A 243 -18.34 0.63 28.96
C PRO A 243 -16.89 1.03 29.25
N ILE A 244 -16.60 2.32 29.14
CA ILE A 244 -15.28 2.83 29.47
C ILE A 244 -15.34 3.90 30.54
N VAL A 245 -14.89 3.55 31.74
CA VAL A 245 -14.84 4.50 32.84
C VAL A 245 -13.46 5.18 32.94
N LEU A 246 -13.46 6.51 32.91
CA LEU A 246 -12.22 7.25 33.08
C LEU A 246 -11.98 7.56 34.55
N PRO A 247 -10.81 7.17 35.06
CA PRO A 247 -10.44 7.32 36.48
C PRO A 247 -10.50 8.76 37.02
N GLU A 248 -10.77 8.88 38.32
CA GLU A 248 -10.70 10.17 39.01
C GLU A 248 -9.55 10.17 40.00
N LYS A 249 -8.39 10.65 39.55
CA LYS A 249 -7.18 10.60 40.36
C LYS A 249 -6.62 12.00 40.53
N ASP A 250 -5.92 12.22 41.64
CA ASP A 250 -5.18 13.47 41.81
C ASP A 250 -3.77 13.31 41.24
N SER A 251 -3.29 12.07 41.14
CA SER A 251 -1.94 11.81 40.63
C SER A 251 -1.97 10.90 39.41
N TRP A 252 -1.36 11.34 38.33
CA TRP A 252 -1.31 10.56 37.10
C TRP A 252 0.09 10.08 36.70
N THR A 253 0.27 8.77 36.70
CA THR A 253 1.52 8.17 36.23
C THR A 253 1.52 8.05 34.70
N VAL A 254 2.70 7.90 34.13
CA VAL A 254 2.82 7.61 32.71
C VAL A 254 1.91 6.45 32.27
N ASN A 255 1.87 5.41 33.10
CA ASN A 255 1.06 4.22 32.87
C ASN A 255 -0.46 4.54 32.90
N ASP A 256 -0.86 5.43 33.81
CA ASP A 256 -2.25 5.89 33.92
C ASP A 256 -2.69 6.71 32.71
N ILE A 257 -1.74 7.49 32.18
CA ILE A 257 -1.98 8.31 31.00
C ILE A 257 -1.98 7.48 29.71
N GLN A 258 -1.26 6.38 29.71
CA GLN A 258 -1.25 5.53 28.53
C GLN A 258 -2.62 4.85 28.39
N LYS A 259 -3.06 4.24 29.48
CA LYS A 259 -4.33 3.54 29.50
C LYS A 259 -5.48 4.47 29.20
N LEU A 260 -5.35 5.75 29.55
CA LEU A 260 -6.39 6.74 29.24
C LEU A 260 -6.38 7.12 27.74
N VAL A 261 -5.20 7.48 27.22
CA VAL A 261 -5.00 7.74 25.81
C VAL A 261 -5.47 6.59 24.92
N GLY A 262 -5.46 5.37 25.46
CA GLY A 262 -5.88 4.21 24.70
C GLY A 262 -7.34 3.84 24.89
N LYS A 263 -7.96 4.34 25.95
CA LYS A 263 -9.39 4.15 26.17
C LYS A 263 -10.13 5.19 25.37
N LEU A 264 -9.55 6.37 25.29
CA LEU A 264 -10.12 7.48 24.53
C LEU A 264 -10.07 7.16 23.05
N ASN A 265 -8.88 6.83 22.56
CA ASN A 265 -8.70 6.31 21.20
C ASN A 265 -9.72 5.22 20.89
N TRP A 266 -9.93 4.29 21.81
CA TRP A 266 -10.92 3.27 21.53
C TRP A 266 -12.29 3.94 21.38
N ALA A 267 -12.63 4.81 22.32
CA ALA A 267 -13.92 5.48 22.36
C ALA A 267 -14.18 6.21 21.05
N SER A 268 -13.13 6.76 20.46
CA SER A 268 -13.33 7.69 19.38
C SER A 268 -13.98 7.07 18.14
N GLN A 269 -14.30 5.77 18.21
CA GLN A 269 -14.89 5.05 17.08
C GLN A 269 -16.33 5.43 16.90
N ILE A 270 -16.92 5.93 17.97
CA ILE A 270 -18.35 6.18 17.99
C ILE A 270 -18.66 7.44 18.80
N TYR A 271 -17.75 7.85 19.67
CA TYR A 271 -17.87 9.15 20.32
C TYR A 271 -17.19 10.26 19.51
N PRO A 272 -18.02 11.14 18.90
CA PRO A 272 -17.55 12.24 18.05
C PRO A 272 -16.72 13.26 18.81
N GLY A 273 -15.66 13.73 18.16
CA GLY A 273 -14.83 14.78 18.73
C GLY A 273 -14.06 14.43 19.99
N ILE A 274 -13.42 13.27 20.02
CA ILE A 274 -12.51 12.96 21.11
C ILE A 274 -11.15 13.55 20.75
N LYS A 275 -10.49 14.21 21.69
CA LYS A 275 -9.17 14.77 21.42
C LYS A 275 -8.20 14.29 22.47
N VAL A 276 -6.95 14.12 22.08
CA VAL A 276 -5.94 13.51 22.94
C VAL A 276 -4.55 14.12 22.69
N ARG A 277 -4.48 15.14 21.85
CA ARG A 277 -3.20 15.76 21.55
C ARG A 277 -2.54 16.21 22.84
N GLN A 278 -3.33 16.82 23.72
CA GLN A 278 -2.82 17.44 24.93
C GLN A 278 -2.44 16.45 25.99
N LEU A 279 -3.14 15.31 26.03
CA LEU A 279 -2.77 14.20 26.91
C LEU A 279 -1.58 13.41 26.37
N CYS A 280 -1.41 13.38 25.05
CA CYS A 280 -0.27 12.70 24.47
C CYS A 280 1.01 13.51 24.58
N LYS A 281 0.88 14.83 24.72
CA LYS A 281 2.04 15.69 24.87
C LYS A 281 2.86 15.26 26.10
N LEU A 282 2.16 14.99 27.20
CA LEU A 282 2.81 14.47 28.40
C LEU A 282 3.79 13.34 28.06
N LEU A 283 3.28 12.31 27.37
CA LEU A 283 4.05 11.09 27.08
C LEU A 283 5.35 11.32 26.32
N ARG A 284 5.41 12.41 25.56
CA ARG A 284 6.66 12.79 24.90
C ARG A 284 7.74 12.89 25.96
N GLY A 285 8.97 12.55 25.58
CA GLY A 285 10.04 12.51 26.56
C GLY A 285 10.29 11.08 26.98
N THR A 286 11.31 10.88 27.81
CA THR A 286 11.65 9.55 28.28
C THR A 286 11.51 9.49 29.81
N LYS A 287 10.49 8.76 30.27
CA LYS A 287 10.19 8.67 31.69
C LYS A 287 9.70 7.26 32.03
N ALA A 288 9.80 6.88 33.30
CA ALA A 288 9.43 5.53 33.70
C ALA A 288 7.92 5.37 33.83
N LEU A 289 7.42 4.16 33.60
CA LEU A 289 5.99 3.87 33.67
C LEU A 289 5.38 4.37 34.99
N THR A 290 6.19 4.40 36.04
CA THR A 290 5.68 4.76 37.38
C THR A 290 5.85 6.25 37.71
N GLU A 291 6.67 6.95 36.93
CA GLU A 291 6.89 8.37 37.16
C GLU A 291 5.57 9.16 37.01
N VAL A 292 5.31 10.05 37.96
CA VAL A 292 4.10 10.84 37.89
C VAL A 292 4.25 12.07 37.02
N ILE A 293 3.28 12.27 36.15
CA ILE A 293 3.27 13.39 35.22
C ILE A 293 2.15 14.36 35.60
N PRO A 294 2.53 15.59 35.99
CA PRO A 294 1.54 16.63 36.27
C PRO A 294 0.90 17.21 35.01
N LEU A 295 -0.42 17.32 35.02
CA LEU A 295 -1.15 17.69 33.82
C LEU A 295 -1.08 19.19 33.54
N THR A 296 -0.88 19.53 32.27
CA THR A 296 -0.85 20.91 31.81
C THR A 296 -2.25 21.49 31.88
N GLU A 297 -2.38 22.80 31.63
CA GLU A 297 -3.69 23.42 31.60
C GLU A 297 -4.45 22.90 30.38
N GLU A 298 -3.80 22.95 29.22
CA GLU A 298 -4.42 22.47 27.99
C GLU A 298 -4.77 20.98 28.04
N ALA A 299 -3.95 20.18 28.72
CA ALA A 299 -4.26 18.76 28.88
C ALA A 299 -5.41 18.55 29.87
N GLU A 300 -5.37 19.28 30.99
CA GLU A 300 -6.44 19.18 31.97
C GLU A 300 -7.73 19.65 31.33
N LEU A 301 -7.63 20.69 30.50
CA LEU A 301 -8.77 21.15 29.71
C LEU A 301 -9.34 20.02 28.85
N GLU A 302 -8.45 19.32 28.15
CA GLU A 302 -8.86 18.23 27.25
C GLU A 302 -9.58 17.14 28.03
N LEU A 303 -8.92 16.62 29.05
CA LEU A 303 -9.53 15.64 29.92
C LEU A 303 -10.96 16.08 30.24
N ALA A 304 -11.13 17.38 30.49
CA ALA A 304 -12.43 17.96 30.76
C ALA A 304 -13.39 17.70 29.60
N GLU A 305 -13.05 18.23 28.43
CA GLU A 305 -13.84 18.03 27.22
C GLU A 305 -14.22 16.55 27.07
N ASN A 306 -13.21 15.68 27.06
CA ASN A 306 -13.45 14.26 26.80
C ASN A 306 -14.40 13.69 27.83
N ARG A 307 -14.27 14.16 29.07
CA ARG A 307 -14.98 13.56 30.18
C ARG A 307 -16.49 13.76 30.04
N GLU A 308 -16.89 14.87 29.43
CA GLU A 308 -18.31 15.16 29.23
C GLU A 308 -18.84 14.53 27.96
N ILE A 309 -18.01 14.55 26.91
CA ILE A 309 -18.32 13.86 25.67
C ILE A 309 -18.72 12.40 25.95
N LEU A 310 -18.25 11.86 27.06
CA LEU A 310 -18.50 10.47 27.38
C LEU A 310 -19.64 10.28 28.37
N LYS A 311 -20.05 11.36 29.02
CA LYS A 311 -20.97 11.27 30.17
C LYS A 311 -22.36 10.76 29.80
N GLU A 312 -22.77 10.94 28.54
CA GLU A 312 -23.99 10.29 28.06
C GLU A 312 -23.67 9.25 26.99
N PRO A 313 -24.36 8.10 27.03
CA PRO A 313 -24.11 7.00 26.10
C PRO A 313 -24.37 7.38 24.65
N VAL A 314 -23.73 6.65 23.76
CA VAL A 314 -23.81 6.87 22.31
C VAL A 314 -23.71 5.51 21.62
N HIS A 315 -24.43 5.32 20.52
CA HIS A 315 -24.36 4.06 19.79
C HIS A 315 -24.29 4.27 18.29
N GLY A 316 -23.71 3.31 17.59
CA GLY A 316 -23.68 3.39 16.15
C GLY A 316 -24.77 2.51 15.57
N VAL A 317 -25.26 2.88 14.39
CA VAL A 317 -26.24 2.10 13.65
C VAL A 317 -25.53 1.08 12.79
N TYR A 318 -26.31 0.22 12.14
CA TYR A 318 -25.78 -0.77 11.22
C TYR A 318 -26.01 -0.35 9.79
N TYR A 319 -25.45 -1.12 8.86
CA TYR A 319 -25.27 -0.66 7.51
C TYR A 319 -26.39 -1.18 6.65
N ASP A 320 -27.08 -0.27 5.97
CA ASP A 320 -28.10 -0.63 4.99
C ASP A 320 -27.39 -0.52 3.66
N PRO A 321 -27.21 -1.64 2.97
CA PRO A 321 -26.36 -1.68 1.79
C PRO A 321 -26.85 -0.85 0.64
N SER A 322 -28.16 -0.55 0.65
CA SER A 322 -28.80 0.13 -0.47
C SER A 322 -28.83 1.66 -0.30
N LYS A 323 -28.00 2.20 0.58
CA LYS A 323 -27.90 3.64 0.73
C LYS A 323 -26.44 4.08 0.67
N ASP A 324 -26.20 5.27 0.12
CA ASP A 324 -24.86 5.85 0.09
C ASP A 324 -24.29 6.08 1.49
N LEU A 325 -22.98 5.95 1.61
CA LEU A 325 -22.27 6.36 2.82
C LEU A 325 -22.00 7.86 2.71
N ILE A 326 -22.20 8.59 3.81
CA ILE A 326 -21.77 9.97 3.83
C ILE A 326 -20.67 10.20 4.86
N ALA A 327 -19.56 10.78 4.39
CA ALA A 327 -18.44 11.07 5.27
C ALA A 327 -18.22 12.57 5.42
N GLU A 328 -18.34 13.07 6.66
CA GLU A 328 -18.04 14.46 6.99
C GLU A 328 -16.75 14.57 7.82
N ILE A 329 -15.90 15.52 7.45
CA ILE A 329 -14.66 15.72 8.20
C ILE A 329 -14.67 17.13 8.78
N GLN A 330 -14.24 17.28 10.03
CA GLN A 330 -14.05 18.61 10.61
C GLN A 330 -12.64 18.79 11.15
N LYS A 331 -12.07 19.98 10.93
CA LYS A 331 -10.85 20.42 11.60
C LYS A 331 -11.14 20.72 13.08
N GLN A 332 -10.36 20.13 13.97
CA GLN A 332 -10.71 20.07 15.37
C GLN A 332 -9.61 20.71 16.21
N GLY A 333 -8.51 21.04 15.55
CA GLY A 333 -7.31 21.48 16.23
C GLY A 333 -6.18 21.45 15.23
N GLN A 334 -4.95 21.66 15.69
CA GLN A 334 -3.85 21.77 14.75
C GLN A 334 -3.30 20.40 14.41
N GLY A 335 -3.47 20.02 13.15
CA GLY A 335 -3.12 18.70 12.70
C GLY A 335 -4.12 17.67 13.15
N GLN A 336 -5.19 18.12 13.80
CA GLN A 336 -6.23 17.21 14.29
C GLN A 336 -7.52 17.24 13.49
N TRP A 337 -7.95 16.08 13.06
CA TRP A 337 -9.15 15.94 12.26
C TRP A 337 -10.06 14.92 12.87
N THR A 338 -11.35 15.18 12.82
CA THR A 338 -12.33 14.23 13.31
C THR A 338 -13.26 14.01 12.12
N TYR A 339 -13.95 12.88 12.08
CA TYR A 339 -14.91 12.62 11.01
C TYR A 339 -16.05 11.76 11.51
N GLN A 340 -17.22 11.86 10.87
CA GLN A 340 -18.32 10.93 11.16
C GLN A 340 -18.77 10.32 9.85
N ILE A 341 -19.27 9.10 9.92
CA ILE A 341 -19.77 8.42 8.75
C ILE A 341 -21.21 8.01 9.00
N TYR A 342 -22.13 8.44 8.14
CA TYR A 342 -23.55 8.13 8.34
C TYR A 342 -24.32 7.89 7.07
N GLN A 343 -25.56 7.45 7.22
CA GLN A 343 -26.39 7.18 6.07
C GLN A 343 -27.72 7.94 6.13
N GLU A 344 -28.14 8.26 7.34
CA GLU A 344 -29.23 9.21 7.56
C GLU A 344 -28.72 10.16 8.62
N PRO A 345 -28.70 11.47 8.33
CA PRO A 345 -28.10 12.37 9.30
C PRO A 345 -28.97 12.48 10.55
N PHE A 346 -28.34 12.48 11.73
CA PHE A 346 -26.92 12.20 11.84
C PHE A 346 -26.71 10.97 12.70
N LYS A 347 -27.42 9.90 12.38
CA LYS A 347 -27.24 8.64 13.07
C LYS A 347 -26.07 7.89 12.46
N ASN A 348 -24.92 8.02 13.11
CA ASN A 348 -23.62 7.55 12.65
C ASN A 348 -23.48 6.04 12.65
N LEU A 349 -22.90 5.50 11.59
CA LEU A 349 -22.41 4.13 11.62
C LEU A 349 -21.07 4.06 12.37
N LYS A 350 -20.31 5.14 12.31
CA LYS A 350 -18.99 5.16 12.93
C LYS A 350 -18.44 6.60 12.92
N THR A 351 -17.58 6.91 13.88
CA THR A 351 -16.81 8.14 13.81
C THR A 351 -15.34 7.78 13.89
N GLY A 352 -14.46 8.73 13.64
CA GLY A 352 -13.05 8.45 13.72
C GLY A 352 -12.27 9.73 13.98
N LYS A 353 -10.96 9.59 14.12
CA LYS A 353 -10.10 10.76 14.09
C LYS A 353 -8.82 10.50 13.31
N TYR A 354 -8.12 11.59 13.00
CA TYR A 354 -6.88 11.53 12.23
C TYR A 354 -6.00 12.68 12.68
N ALA A 355 -4.76 12.38 13.01
CA ALA A 355 -3.84 13.44 13.45
C ALA A 355 -2.40 13.16 13.00
N ARG A 356 -2.24 12.27 12.04
CA ARG A 356 -0.91 11.98 11.52
C ARG A 356 -0.39 13.18 10.74
N MET A 357 0.85 13.58 11.03
CA MET A 357 1.58 14.49 10.15
C MET A 357 2.46 13.70 9.19
N ARG A 358 2.44 14.08 7.92
CA ARG A 358 3.35 13.48 6.94
C ARG A 358 4.43 14.48 6.54
N GLY A 359 5.66 14.16 6.93
CA GLY A 359 6.76 15.10 6.74
C GLY A 359 6.80 16.12 7.85
N ALA A 360 7.80 17.00 7.79
CA ALA A 360 7.97 18.05 8.79
C ALA A 360 7.03 19.21 8.51
N HIS A 361 6.74 19.44 7.22
CA HIS A 361 5.89 20.55 6.82
C HIS A 361 4.73 20.11 5.93
N THR A 362 3.54 20.61 6.26
CA THR A 362 2.38 20.49 5.39
C THR A 362 1.48 21.70 5.61
N ASN A 363 0.39 21.73 4.87
CA ASN A 363 -0.67 22.68 5.10
C ASN A 363 -1.97 21.93 5.22
N ASP A 364 -3.02 22.60 5.71
CA ASP A 364 -4.32 21.99 5.86
C ASP A 364 -4.77 21.21 4.63
N VAL A 365 -4.57 21.77 3.45
CA VAL A 365 -5.06 21.11 2.25
C VAL A 365 -4.45 19.72 2.07
N LYS A 366 -3.15 19.61 2.28
CA LYS A 366 -2.46 18.32 2.21
C LYS A 366 -3.06 17.35 3.24
N GLN A 367 -3.20 17.84 4.47
CA GLN A 367 -3.65 17.01 5.57
C GLN A 367 -5.08 16.53 5.39
N LEU A 368 -5.94 17.41 4.87
CA LEU A 368 -7.34 17.08 4.70
C LEU A 368 -7.42 16.01 3.64
N THR A 369 -6.59 16.13 2.63
CA THR A 369 -6.55 15.13 1.58
C THR A 369 -6.09 13.78 2.13
N GLU A 370 -5.13 13.78 3.03
CA GLU A 370 -4.62 12.52 3.55
C GLU A 370 -5.65 11.83 4.44
N ALA A 371 -6.58 12.59 5.01
CA ALA A 371 -7.67 12.02 5.81
C ALA A 371 -8.76 11.46 4.91
N VAL A 372 -9.02 12.14 3.81
CA VAL A 372 -9.91 11.57 2.82
C VAL A 372 -9.41 10.19 2.35
N GLN A 373 -8.11 10.04 2.17
CA GLN A 373 -7.55 8.78 1.73
C GLN A 373 -7.71 7.73 2.81
N LYS A 374 -7.33 8.08 4.02
CA LYS A 374 -7.53 7.22 5.18
C LYS A 374 -8.97 6.71 5.24
N ILE A 375 -9.92 7.63 5.22
CA ILE A 375 -11.34 7.32 5.36
C ILE A 375 -11.83 6.47 4.19
N THR A 376 -11.30 6.76 3.02
CA THR A 376 -11.70 6.01 1.86
C THR A 376 -11.29 4.55 1.95
N THR A 377 -10.02 4.29 2.23
CA THR A 377 -9.55 2.92 2.38
C THR A 377 -10.40 2.20 3.43
N GLU A 378 -10.53 2.83 4.59
CA GLU A 378 -11.33 2.31 5.69
C GLU A 378 -12.71 1.93 5.21
N SER A 379 -13.28 2.79 4.36
CA SER A 379 -14.59 2.53 3.78
C SER A 379 -14.55 1.26 2.95
N ILE A 380 -13.50 1.12 2.14
CA ILE A 380 -13.48 -0.01 1.24
C ILE A 380 -13.47 -1.26 2.09
N VAL A 381 -12.69 -1.25 3.16
CA VAL A 381 -12.58 -2.44 3.99
C VAL A 381 -13.91 -2.76 4.62
N ILE A 382 -14.49 -1.76 5.28
CA ILE A 382 -15.70 -2.00 6.03
C ILE A 382 -16.97 -2.19 5.19
N TRP A 383 -17.11 -1.43 4.10
CA TRP A 383 -18.36 -1.52 3.33
C TRP A 383 -18.15 -1.88 1.87
N GLY A 384 -16.90 -1.96 1.42
CA GLY A 384 -16.65 -2.29 0.02
C GLY A 384 -17.11 -1.23 -0.96
N LYS A 385 -17.03 0.02 -0.53
CA LYS A 385 -17.66 1.14 -1.24
C LYS A 385 -17.07 2.44 -0.70
N THR A 386 -16.75 3.41 -1.56
CA THR A 386 -16.31 4.70 -1.05
C THR A 386 -17.50 5.58 -0.67
N PRO A 387 -17.32 6.44 0.33
CA PRO A 387 -18.39 7.35 0.75
C PRO A 387 -18.42 8.60 -0.10
N LYS A 388 -19.53 9.33 0.00
CA LYS A 388 -19.60 10.69 -0.51
C LYS A 388 -19.13 11.60 0.61
N PHE A 389 -18.20 12.49 0.28
CA PHE A 389 -17.59 13.37 1.27
C PHE A 389 -18.21 14.77 1.37
N LYS A 390 -18.25 15.29 2.58
CA LYS A 390 -18.54 16.69 2.84
C LYS A 390 -17.36 17.31 3.61
N LEU A 391 -16.70 18.27 2.96
CA LEU A 391 -15.42 18.81 3.46
C LEU A 391 -15.50 20.32 3.70
N PRO A 392 -14.86 20.80 4.77
CA PRO A 392 -14.82 22.23 5.07
C PRO A 392 -13.85 22.95 4.15
N ILE A 393 -14.00 22.75 2.84
CA ILE A 393 -13.14 23.41 1.87
C ILE A 393 -13.93 23.79 0.62
N GLN A 394 -13.71 24.99 0.13
CA GLN A 394 -14.40 25.45 -1.06
C GLN A 394 -13.81 24.78 -2.29
N LYS A 395 -14.63 24.56 -3.31
CA LYS A 395 -14.14 23.91 -4.51
C LYS A 395 -13.00 24.71 -5.13
N GLU A 396 -13.05 26.03 -5.01
CA GLU A 396 -12.03 26.89 -5.59
C GLU A 396 -10.69 26.71 -4.85
N THR A 397 -10.74 26.70 -3.52
CA THR A 397 -9.51 26.53 -2.74
C THR A 397 -8.79 25.24 -3.12
N TRP A 398 -9.54 24.17 -3.34
CA TRP A 398 -8.93 22.87 -3.56
C TRP A 398 -8.54 22.70 -5.02
N GLU A 399 -9.27 23.36 -5.91
CA GLU A 399 -8.95 23.38 -7.33
C GLU A 399 -7.67 24.16 -7.58
N THR A 400 -7.47 25.19 -6.77
CA THR A 400 -6.25 26.00 -6.82
C THR A 400 -5.06 25.23 -6.25
N TRP A 401 -5.23 24.60 -5.08
CA TRP A 401 -4.11 23.89 -4.48
C TRP A 401 -3.56 22.80 -5.37
N TRP A 402 -4.44 22.03 -6.01
CA TRP A 402 -4.03 20.86 -6.76
C TRP A 402 -3.33 21.26 -8.06
N THR A 403 -4.02 22.03 -8.89
CA THR A 403 -3.56 22.26 -10.24
C THR A 403 -2.10 22.75 -10.24
N GLU A 404 -1.79 23.62 -9.28
CA GLU A 404 -0.47 24.22 -9.17
C GLU A 404 0.53 23.32 -8.46
N TYR A 405 0.00 22.37 -7.68
CA TYR A 405 0.84 21.46 -6.90
C TYR A 405 1.36 20.31 -7.76
N TRP A 406 2.55 19.84 -7.43
CA TRP A 406 3.35 19.00 -8.32
C TRP A 406 3.22 17.50 -8.07
N GLN A 407 2.55 17.12 -6.99
CA GLN A 407 2.19 15.72 -6.81
C GLN A 407 0.81 15.51 -7.41
N ALA A 408 0.64 14.40 -8.12
CA ALA A 408 -0.67 13.98 -8.59
C ALA A 408 -1.59 13.70 -7.41
N THR A 409 -2.87 14.03 -7.55
CA THR A 409 -3.82 13.73 -6.48
C THR A 409 -5.24 13.68 -7.00
N TRP A 410 -6.16 13.16 -6.18
CA TRP A 410 -7.55 12.99 -6.59
C TRP A 410 -8.44 12.48 -5.48
N ILE A 411 -9.43 13.27 -5.09
CA ILE A 411 -10.41 12.79 -4.13
C ILE A 411 -11.76 12.48 -4.75
N PRO A 412 -12.44 11.45 -4.22
CA PRO A 412 -13.74 10.98 -4.72
C PRO A 412 -14.78 12.11 -4.71
N GLU A 413 -15.94 11.84 -5.28
CA GLU A 413 -17.05 12.77 -5.28
C GLU A 413 -17.23 13.42 -3.90
N TRP A 414 -17.07 14.75 -3.84
CA TRP A 414 -17.28 15.50 -2.60
C TRP A 414 -17.97 16.82 -2.85
N GLU A 415 -18.41 17.44 -1.76
CA GLU A 415 -19.08 18.73 -1.83
C GLU A 415 -18.79 19.56 -0.58
N PHE A 416 -18.79 20.89 -0.74
CA PHE A 416 -18.44 21.81 0.36
C PHE A 416 -19.49 21.73 1.45
N VAL A 417 -19.01 21.86 2.68
CA VAL A 417 -19.87 22.04 3.84
C VAL A 417 -19.24 23.09 4.74
N ASN A 418 -20.07 23.97 5.27
CA ASN A 418 -19.59 25.15 5.96
C ASN A 418 -19.46 24.87 7.46
N THR A 419 -18.41 24.16 7.84
CA THR A 419 -18.21 23.75 9.23
C THR A 419 -16.84 24.19 9.75
N PRO A 420 -16.77 25.39 10.35
CA PRO A 420 -15.51 26.04 10.76
C PRO A 420 -14.71 25.35 11.88
N PRO A 421 -13.39 25.45 11.82
CA PRO A 421 -12.65 26.23 10.82
C PRO A 421 -12.76 25.67 9.41
N LEU A 422 -12.75 26.55 8.42
CA LEU A 422 -12.60 26.14 7.04
C LEU A 422 -11.12 26.11 6.67
N VAL A 423 -10.77 25.20 5.77
CA VAL A 423 -9.41 25.11 5.26
C VAL A 423 -9.19 26.09 4.11
N LYS A 424 -8.10 26.85 4.22
CA LYS A 424 -7.73 27.84 3.22
C LYS A 424 -6.24 27.69 2.93
N LEU A 425 -5.76 28.36 1.90
CA LEU A 425 -4.34 28.61 1.79
C LEU A 425 -4.10 30.00 2.36
N TRP A 426 -3.05 30.15 3.17
CA TRP A 426 -2.82 31.39 3.89
C TRP A 426 -1.90 32.39 3.19
N TYR A 427 -1.25 31.93 2.12
CA TYR A 427 -0.52 32.81 1.23
C TYR A 427 -0.38 32.11 -0.10
N GLN A 428 -0.04 32.87 -1.14
CA GLN A 428 0.29 32.28 -2.44
C GLN A 428 1.46 33.03 -3.03
N LEU A 429 2.45 32.32 -3.55
CA LEU A 429 3.63 32.97 -4.13
C LEU A 429 3.37 33.48 -5.54
N GLU A 430 3.90 34.65 -5.87
CA GLU A 430 3.82 35.17 -7.23
C GLU A 430 4.29 34.12 -8.24
N LYS A 431 3.81 34.22 -9.47
CA LYS A 431 4.20 33.28 -10.52
C LYS A 431 5.34 33.83 -11.37
N GLU A 432 5.27 35.12 -11.66
CA GLU A 432 6.37 35.82 -12.34
C GLU A 432 6.99 36.82 -11.37
N PRO A 433 8.25 37.20 -11.59
CA PRO A 433 8.91 38.22 -10.77
C PRO A 433 8.14 39.52 -10.73
N ILE A 434 8.36 40.30 -9.69
CA ILE A 434 7.59 41.52 -9.45
C ILE A 434 8.40 42.73 -9.86
N VAL A 435 7.94 43.42 -10.89
CA VAL A 435 8.53 44.71 -11.22
C VAL A 435 8.40 45.67 -10.03
N GLY A 436 9.42 46.48 -9.81
CA GLY A 436 9.29 47.56 -8.85
C GLY A 436 9.42 47.11 -7.41
N ALA A 437 9.77 45.84 -7.23
CA ALA A 437 10.01 45.32 -5.88
C ALA A 437 11.49 44.97 -5.69
N GLU A 438 12.01 45.31 -4.52
CA GLU A 438 13.42 45.11 -4.27
C GLU A 438 13.78 43.64 -4.43
N THR A 439 14.90 43.38 -5.08
CA THR A 439 15.37 42.01 -5.29
C THR A 439 16.47 41.61 -4.29
N PHE A 440 16.14 40.71 -3.38
CA PHE A 440 17.11 40.16 -2.44
C PHE A 440 17.79 38.90 -2.97
N TYR A 441 19.05 39.02 -3.41
CA TYR A 441 19.90 37.85 -3.57
C TYR A 441 20.44 37.44 -2.21
N VAL A 442 19.78 36.46 -1.60
CA VAL A 442 20.09 36.05 -0.24
C VAL A 442 20.98 34.81 -0.31
N ASP A 443 21.48 34.39 0.85
CA ASP A 443 22.47 33.34 0.87
C ASP A 443 22.92 33.02 2.28
N GLY A 444 22.69 31.78 2.69
CA GLY A 444 23.19 31.29 3.97
C GLY A 444 24.29 30.28 3.74
N ALA A 445 25.11 30.07 4.77
CA ALA A 445 26.27 29.16 4.66
C ALA A 445 26.74 28.69 6.03
N ALA A 446 27.34 27.51 6.07
CA ALA A 446 27.87 26.93 7.31
C ALA A 446 29.19 26.19 7.07
N ASN A 447 30.14 26.38 8.00
CA ASN A 447 31.38 25.61 8.01
C ASN A 447 31.15 24.30 8.76
N ARG A 448 31.24 23.19 8.03
CA ARG A 448 30.75 21.90 8.54
C ARG A 448 31.48 21.38 9.77
N GLU A 449 32.67 21.92 10.04
CA GLU A 449 33.47 21.48 11.19
C GLU A 449 33.09 22.30 12.42
N THR A 450 33.13 23.62 12.27
CA THR A 450 32.76 24.55 13.33
C THR A 450 31.25 24.52 13.56
N LYS A 451 30.52 24.23 12.49
CA LYS A 451 29.08 24.41 12.46
C LYS A 451 28.78 25.88 12.79
N LEU A 452 29.64 26.75 12.28
CA LEU A 452 29.45 28.17 12.45
C LEU A 452 28.92 28.70 11.12
N GLY A 453 27.90 29.54 11.19
CA GLY A 453 27.25 29.98 9.97
C GLY A 453 27.09 31.48 9.82
N LYS A 454 27.12 31.94 8.58
CA LYS A 454 26.85 33.33 8.28
C LYS A 454 25.74 33.42 7.22
N ALA A 455 24.63 34.05 7.58
CA ALA A 455 23.51 34.28 6.65
C ALA A 455 23.46 35.72 6.16
N GLY A 456 22.96 35.95 4.94
CA GLY A 456 22.90 37.31 4.46
C GLY A 456 22.17 37.59 3.15
N TYR A 457 22.32 38.81 2.66
CA TYR A 457 21.72 39.23 1.39
C TYR A 457 22.31 40.54 0.88
N VAL A 458 22.14 40.75 -0.42
CA VAL A 458 22.39 42.05 -1.05
C VAL A 458 21.19 42.33 -1.95
N THR A 459 20.91 43.60 -2.21
CA THR A 459 19.77 43.91 -3.05
C THR A 459 20.20 44.65 -4.30
N ASN A 460 19.24 44.90 -5.20
CA ASN A 460 19.54 45.64 -6.39
C ASN A 460 19.52 47.13 -6.01
N ARG A 461 19.13 47.41 -4.78
CA ARG A 461 19.07 48.78 -4.27
C ARG A 461 20.22 49.08 -3.29
N GLY A 462 21.25 48.25 -3.32
CA GLY A 462 22.46 48.54 -2.57
C GLY A 462 22.51 48.01 -1.15
N ARG A 463 21.36 47.64 -0.60
CA ARG A 463 21.31 47.16 0.78
C ARG A 463 22.13 45.89 1.01
N GLN A 464 22.63 45.73 2.23
CA GLN A 464 23.39 44.55 2.60
C GLN A 464 23.18 44.23 4.09
N LYS A 465 23.43 42.98 4.44
CA LYS A 465 23.35 42.57 5.83
C LYS A 465 23.87 41.16 5.86
N VAL A 466 24.71 40.88 6.83
CA VAL A 466 25.18 39.54 7.06
C VAL A 466 25.22 39.37 8.55
N VAL A 467 24.68 38.26 9.03
CA VAL A 467 24.59 38.03 10.46
C VAL A 467 25.12 36.64 10.76
N THR A 468 25.39 36.38 12.04
CA THR A 468 26.11 35.18 12.43
C THR A 468 25.31 34.24 13.31
N LEU A 469 25.36 32.96 12.96
CA LEU A 469 24.64 31.94 13.68
C LEU A 469 25.62 30.92 14.19
N THR A 470 25.26 30.27 15.30
CA THR A 470 26.17 29.37 15.99
C THR A 470 25.58 27.96 16.04
N ASP A 471 26.40 26.96 15.76
CA ASP A 471 25.92 25.59 15.59
C ASP A 471 24.57 25.57 14.88
N THR A 472 24.60 25.82 13.57
CA THR A 472 23.51 25.46 12.67
C THR A 472 24.14 24.69 11.53
N THR A 473 23.35 24.35 10.52
CA THR A 473 23.86 23.68 9.34
C THR A 473 23.63 24.53 8.09
N ASN A 474 24.17 24.07 6.97
CA ASN A 474 23.93 24.73 5.70
C ASN A 474 22.44 24.93 5.47
N GLN A 475 21.65 23.99 5.98
CA GLN A 475 20.21 24.03 5.76
C GLN A 475 19.61 25.23 6.47
N LYS A 476 19.97 25.39 7.72
CA LYS A 476 19.38 26.46 8.49
C LYS A 476 19.81 27.83 7.97
N THR A 477 21.09 27.99 7.67
CA THR A 477 21.56 29.28 7.17
C THR A 477 20.78 29.70 5.94
N GLU A 478 20.46 28.75 5.06
CA GLU A 478 19.77 29.06 3.81
C GLU A 478 18.32 29.47 4.07
N LEU A 479 17.75 28.99 5.16
CA LEU A 479 16.40 29.36 5.55
C LEU A 479 16.39 30.66 6.35
N GLN A 480 17.45 30.85 7.13
CA GLN A 480 17.68 32.10 7.85
C GLN A 480 17.77 33.24 6.86
N ALA A 481 18.56 33.03 5.82
CA ALA A 481 18.86 34.10 4.88
C ALA A 481 17.59 34.58 4.17
N ILE A 482 16.65 33.66 3.99
CA ILE A 482 15.38 33.97 3.33
C ILE A 482 14.46 34.67 4.33
N TYR A 483 14.49 34.18 5.57
CA TYR A 483 13.80 34.83 6.67
C TYR A 483 14.27 36.27 6.82
N LEU A 484 15.59 36.44 6.78
CA LEU A 484 16.22 37.75 6.79
C LEU A 484 15.55 38.65 5.75
N ALA A 485 15.61 38.22 4.51
CA ALA A 485 15.10 39.02 3.41
C ALA A 485 13.64 39.43 3.67
N LEU A 486 12.90 38.57 4.36
CA LEU A 486 11.49 38.84 4.52
C LEU A 486 11.22 39.85 5.60
N GLN A 487 12.09 39.92 6.60
CA GLN A 487 11.80 40.83 7.68
C GLN A 487 12.29 42.25 7.42
N ASP A 488 13.24 42.37 6.50
CA ASP A 488 13.82 43.67 6.21
C ASP A 488 13.14 44.34 5.02
N SER A 489 12.62 43.52 4.11
CA SER A 489 11.90 43.99 2.93
C SER A 489 10.51 44.49 3.30
N GLY A 490 9.86 45.13 2.33
CA GLY A 490 8.48 45.54 2.50
C GLY A 490 7.47 44.55 1.98
N LEU A 491 6.38 45.06 1.42
CA LEU A 491 5.23 44.22 1.11
C LEU A 491 5.35 43.55 -0.25
N GLU A 492 6.25 44.04 -1.09
CA GLU A 492 6.52 43.37 -2.35
C GLU A 492 8.00 43.10 -2.49
N VAL A 493 8.39 41.84 -2.47
CA VAL A 493 9.80 41.50 -2.49
C VAL A 493 10.06 40.36 -3.45
N ASN A 494 11.18 40.44 -4.16
CA ASN A 494 11.68 39.33 -4.94
C ASN A 494 12.87 38.74 -4.19
N ILE A 495 12.85 37.42 -3.97
CA ILE A 495 13.96 36.75 -3.29
C ILE A 495 14.59 35.71 -4.18
N VAL A 496 15.89 35.84 -4.42
CA VAL A 496 16.64 34.86 -5.21
C VAL A 496 17.47 34.03 -4.24
N THR A 497 17.50 32.72 -4.46
CA THR A 497 18.23 31.82 -3.57
C THR A 497 18.91 30.70 -4.33
N ASP A 498 20.01 30.20 -3.78
CA ASP A 498 20.72 29.08 -4.39
C ASP A 498 20.42 27.78 -3.65
N SER A 499 19.54 27.88 -2.64
CA SER A 499 19.13 26.73 -1.85
C SER A 499 17.87 26.06 -2.42
N GLN A 500 18.05 24.89 -3.02
CA GLN A 500 16.91 24.11 -3.51
C GLN A 500 16.12 23.51 -2.34
N TYR A 501 16.84 23.07 -1.34
CA TYR A 501 16.23 22.69 -0.08
C TYR A 501 15.20 23.72 0.38
N ALA A 502 15.61 24.97 0.47
CA ALA A 502 14.74 26.03 0.96
C ALA A 502 13.59 26.30 0.00
N LEU A 503 13.88 26.37 -1.29
CA LEU A 503 12.86 26.63 -2.30
C LEU A 503 11.78 25.57 -2.18
N GLY A 504 12.19 24.31 -2.19
CA GLY A 504 11.24 23.22 -2.12
C GLY A 504 10.30 23.37 -0.94
N ILE A 505 10.87 23.53 0.25
CA ILE A 505 10.05 23.71 1.44
C ILE A 505 9.00 24.76 1.14
N ILE A 506 9.45 25.97 0.82
CA ILE A 506 8.56 27.13 0.74
C ILE A 506 7.63 27.10 -0.45
N GLN A 507 8.13 26.65 -1.59
CA GLN A 507 7.33 26.46 -2.78
C GLN A 507 6.15 25.50 -2.54
N ALA A 508 6.25 24.72 -1.47
CA ALA A 508 5.20 23.78 -1.10
C ALA A 508 4.11 24.50 -0.35
N GLN A 509 4.28 25.80 -0.13
CA GLN A 509 3.30 26.62 0.58
C GLN A 509 2.84 26.13 1.96
N PRO A 510 3.77 25.61 2.78
CA PRO A 510 3.46 25.10 4.12
C PRO A 510 2.59 26.06 4.89
N ASP A 511 2.06 25.62 6.02
CA ASP A 511 1.42 26.53 6.96
C ASP A 511 1.51 25.97 8.37
N GLN A 512 2.27 24.90 8.52
CA GLN A 512 2.67 24.38 9.82
C GLN A 512 4.02 23.73 9.60
N SER A 513 4.89 23.82 10.58
CA SER A 513 6.17 23.12 10.52
C SER A 513 6.71 22.79 11.90
N GLU A 514 7.50 21.73 11.97
CA GLU A 514 8.18 21.39 13.20
C GLU A 514 9.26 22.42 13.49
N SER A 515 9.84 22.97 12.42
CA SER A 515 10.89 23.99 12.52
C SER A 515 10.34 25.37 12.92
N GLU A 516 10.92 25.96 13.96
CA GLU A 516 10.51 27.29 14.42
C GLU A 516 10.85 28.35 13.39
N LEU A 517 12.07 28.27 12.86
CA LEU A 517 12.49 29.11 11.76
C LEU A 517 11.38 29.16 10.73
N VAL A 518 10.98 27.99 10.26
CA VAL A 518 10.05 27.87 9.15
C VAL A 518 8.70 28.42 9.51
N ASN A 519 8.23 28.10 10.71
CA ASN A 519 7.02 28.69 11.23
C ASN A 519 7.04 30.23 11.23
N GLN A 520 8.24 30.82 11.30
CA GLN A 520 8.37 32.27 11.22
C GLN A 520 8.34 32.76 9.78
N ILE A 521 9.26 32.25 8.97
CA ILE A 521 9.23 32.48 7.54
C ILE A 521 7.77 32.46 7.08
N ILE A 522 6.97 31.60 7.71
CA ILE A 522 5.56 31.48 7.37
C ILE A 522 4.81 32.73 7.84
N GLU A 523 4.92 33.03 9.13
CA GLU A 523 4.34 34.24 9.71
C GLU A 523 4.55 35.41 8.77
N GLN A 524 5.81 35.56 8.36
CA GLN A 524 6.22 36.64 7.48
C GLN A 524 5.44 36.58 6.17
N LEU A 525 5.39 35.40 5.55
CA LEU A 525 4.82 35.25 4.23
C LEU A 525 3.33 35.60 4.20
N ILE A 526 2.66 35.48 5.34
CA ILE A 526 1.25 35.78 5.39
C ILE A 526 1.07 37.28 5.51
N LYS A 527 2.03 37.94 6.13
CA LYS A 527 2.06 39.40 6.25
C LYS A 527 2.32 40.11 4.91
N LYS A 528 3.14 39.51 4.06
CA LYS A 528 3.50 40.11 2.77
C LYS A 528 2.28 40.18 1.89
N GLU A 529 2.40 40.90 0.77
CA GLU A 529 1.29 41.00 -0.17
C GLU A 529 1.68 40.41 -1.51
N LYS A 530 2.94 40.53 -1.86
CA LYS A 530 3.48 39.77 -2.98
C LYS A 530 4.91 39.32 -2.70
N VAL A 531 5.22 38.07 -3.05
CA VAL A 531 6.55 37.55 -2.86
C VAL A 531 6.85 36.62 -4.00
N TYR A 532 7.97 36.82 -4.65
CA TYR A 532 8.40 35.90 -5.68
C TYR A 532 9.74 35.27 -5.30
N LEU A 533 9.79 33.95 -5.31
CA LEU A 533 10.98 33.22 -4.92
C LEU A 533 11.57 32.53 -6.14
N ALA A 534 12.85 32.77 -6.38
CA ALA A 534 13.54 32.24 -7.57
C ALA A 534 14.72 31.45 -7.08
N TRP A 535 15.11 30.45 -7.86
CA TRP A 535 16.29 29.66 -7.56
C TRP A 535 17.35 29.96 -8.62
N VAL A 536 18.60 29.89 -8.18
CA VAL A 536 19.73 29.99 -9.07
C VAL A 536 20.78 28.97 -8.66
N PRO A 537 21.55 28.47 -9.63
CA PRO A 537 22.67 27.55 -9.41
C PRO A 537 23.86 28.15 -8.63
N ALA A 538 24.09 27.62 -7.44
CA ALA A 538 25.09 28.18 -6.54
C ALA A 538 26.51 27.94 -7.04
N HIS A 539 27.38 28.93 -6.86
CA HIS A 539 28.79 28.80 -7.21
C HIS A 539 29.02 28.87 -8.71
N LYS A 540 27.95 28.79 -9.50
CA LYS A 540 28.06 28.83 -10.95
C LYS A 540 28.60 30.19 -11.37
N GLY A 541 28.29 31.21 -10.56
CA GLY A 541 28.87 32.53 -10.79
C GLY A 541 27.84 33.54 -11.24
N ILE A 542 26.76 33.65 -10.48
CA ILE A 542 25.57 34.37 -10.94
C ILE A 542 25.48 35.79 -10.39
N GLY A 543 24.74 36.64 -11.10
CA GLY A 543 24.57 38.03 -10.73
C GLY A 543 24.87 38.33 -9.27
N GLY A 544 23.85 38.27 -8.45
CA GLY A 544 24.04 38.55 -7.03
C GLY A 544 24.36 37.31 -6.23
N ASN A 545 24.50 36.18 -6.91
CA ASN A 545 24.87 34.94 -6.24
C ASN A 545 26.28 35.06 -5.70
N GLU A 546 27.24 35.36 -6.58
CA GLU A 546 28.62 35.52 -6.16
C GLU A 546 28.78 36.75 -5.26
N GLN A 547 28.02 37.81 -5.55
CA GLN A 547 28.13 39.05 -4.80
C GLN A 547 27.92 38.85 -3.30
N VAL A 548 26.77 38.33 -2.90
CA VAL A 548 26.49 38.09 -1.49
C VAL A 548 27.13 36.78 -1.05
N ASP A 549 27.75 36.08 -2.00
CA ASP A 549 28.53 34.89 -1.68
C ASP A 549 29.88 35.35 -1.13
N LYS A 550 30.25 36.58 -1.50
CA LYS A 550 31.39 37.28 -0.91
C LYS A 550 31.12 37.60 0.54
N LEU A 551 29.88 37.92 0.86
CA LEU A 551 29.53 38.39 2.20
C LEU A 551 29.37 37.24 3.20
N VAL A 552 29.34 36.01 2.70
CA VAL A 552 29.15 34.86 3.57
C VAL A 552 30.44 34.06 3.83
N GLU B 6 1.81 -32.73 -20.72
CA GLU B 6 3.16 -32.77 -20.08
C GLU B 6 3.46 -31.50 -19.27
N THR B 7 4.38 -31.61 -18.30
CA THR B 7 4.69 -30.47 -17.44
C THR B 7 6.19 -30.23 -17.23
N VAL B 8 6.63 -29.02 -17.53
CA VAL B 8 8.04 -28.67 -17.33
C VAL B 8 8.32 -28.46 -15.84
N PRO B 9 9.31 -29.20 -15.30
CA PRO B 9 9.63 -29.09 -13.87
C PRO B 9 10.15 -27.69 -13.51
N VAL B 10 9.38 -26.98 -12.67
CA VAL B 10 9.67 -25.59 -12.34
C VAL B 10 10.13 -25.45 -10.89
N LYS B 11 11.10 -24.57 -10.65
CA LYS B 11 11.56 -24.33 -9.29
C LYS B 11 11.90 -22.87 -9.04
N LEU B 12 11.68 -22.43 -7.81
CA LEU B 12 12.05 -21.07 -7.37
C LEU B 12 13.54 -20.87 -7.51
N LYS B 13 14.03 -19.75 -6.99
CA LYS B 13 15.46 -19.53 -6.85
C LYS B 13 15.99 -20.22 -5.59
N PRO B 14 17.28 -20.62 -5.59
CA PRO B 14 17.87 -21.10 -4.34
C PRO B 14 17.72 -20.03 -3.28
N GLY B 15 17.52 -20.47 -2.03
CA GLY B 15 17.13 -19.54 -0.99
C GLY B 15 15.63 -19.35 -1.00
N MET B 16 15.18 -18.23 -1.56
CA MET B 16 13.82 -17.71 -1.33
C MET B 16 12.67 -18.73 -1.33
N ASP B 17 11.65 -18.40 -0.53
CA ASP B 17 10.45 -19.21 -0.38
C ASP B 17 9.35 -18.57 -1.22
N GLY B 18 8.19 -19.22 -1.27
CA GLY B 18 7.09 -18.65 -2.01
C GLY B 18 6.77 -17.24 -1.52
N PRO B 19 5.88 -16.55 -2.24
CA PRO B 19 5.35 -15.23 -1.88
C PRO B 19 4.24 -15.30 -0.83
N LYS B 20 4.26 -14.34 0.08
CA LYS B 20 3.19 -14.20 1.06
C LYS B 20 2.74 -12.76 1.06
N VAL B 21 1.91 -12.40 0.10
CA VAL B 21 1.49 -11.02 0.00
C VAL B 21 0.03 -10.98 0.40
N LYS B 22 -0.32 -10.09 1.31
CA LYS B 22 -1.70 -10.02 1.73
C LYS B 22 -2.56 -9.38 0.64
N GLN B 23 -3.81 -9.81 0.57
CA GLN B 23 -4.75 -9.30 -0.41
C GLN B 23 -5.10 -7.86 -0.10
N TRP B 24 -5.13 -7.00 -1.11
CA TRP B 24 -5.59 -5.64 -0.91
C TRP B 24 -7.09 -5.71 -0.77
N PRO B 25 -7.67 -4.83 0.04
CA PRO B 25 -9.13 -4.69 0.09
C PRO B 25 -9.71 -4.40 -1.30
N LEU B 26 -10.77 -5.11 -1.64
CA LEU B 26 -11.45 -4.93 -2.92
C LEU B 26 -12.89 -4.46 -2.70
N THR B 27 -13.49 -3.88 -3.74
CA THR B 27 -14.87 -3.44 -3.62
C THR B 27 -15.86 -4.57 -3.89
N GLU B 28 -17.07 -4.38 -3.38
CA GLU B 28 -18.15 -5.33 -3.63
C GLU B 28 -18.24 -5.63 -5.12
N GLU B 29 -18.02 -4.64 -5.96
CA GLU B 29 -18.11 -4.88 -7.40
C GLU B 29 -17.11 -5.97 -7.82
N LYS B 30 -15.84 -5.77 -7.44
CA LYS B 30 -14.76 -6.58 -7.94
C LYS B 30 -14.80 -7.96 -7.32
N ILE B 31 -15.29 -8.01 -6.09
CA ILE B 31 -15.36 -9.28 -5.42
C ILE B 31 -16.42 -10.14 -6.11
N LYS B 32 -17.65 -9.65 -6.14
CA LYS B 32 -18.69 -10.31 -6.94
C LYS B 32 -18.12 -10.79 -8.26
N ALA B 33 -17.48 -9.89 -9.00
CA ALA B 33 -16.92 -10.26 -10.30
C ALA B 33 -15.98 -11.45 -10.11
N LEU B 34 -15.11 -11.35 -9.12
CA LEU B 34 -14.09 -12.34 -8.97
C LEU B 34 -14.67 -13.70 -8.62
N VAL B 35 -15.76 -13.70 -7.86
CA VAL B 35 -16.37 -14.96 -7.46
C VAL B 35 -16.97 -15.71 -8.62
N GLU B 36 -17.47 -15.00 -9.62
CA GLU B 36 -17.97 -15.64 -10.83
C GLU B 36 -16.78 -16.21 -11.55
N ILE B 37 -16.00 -15.33 -12.13
CA ILE B 37 -14.81 -15.72 -12.84
C ILE B 37 -14.22 -17.00 -12.27
N CYS B 38 -14.10 -17.05 -10.95
CA CYS B 38 -13.31 -18.09 -10.30
C CYS B 38 -14.03 -19.39 -10.09
N THR B 39 -15.36 -19.33 -9.96
CA THR B 39 -16.10 -20.58 -9.85
C THR B 39 -16.24 -21.21 -11.22
N GLU B 40 -16.14 -20.39 -12.27
CA GLU B 40 -16.12 -20.88 -13.64
C GLU B 40 -14.76 -21.44 -14.01
N MET B 41 -13.68 -20.86 -13.47
CA MET B 41 -12.33 -21.34 -13.76
C MET B 41 -12.08 -22.65 -13.05
N GLU B 42 -12.88 -22.90 -12.03
CA GLU B 42 -12.69 -24.05 -11.14
C GLU B 42 -13.51 -25.26 -11.58
N LYS B 43 -14.73 -25.02 -12.05
CA LYS B 43 -15.48 -26.05 -12.74
C LYS B 43 -14.98 -26.13 -14.19
N GLU B 44 -13.67 -25.97 -14.36
CA GLU B 44 -13.01 -26.14 -15.65
C GLU B 44 -11.60 -26.60 -15.33
N GLY B 45 -11.34 -26.73 -14.04
CA GLY B 45 -10.08 -27.28 -13.55
C GLY B 45 -8.85 -26.41 -13.74
N LYS B 46 -9.04 -25.13 -13.99
CA LYS B 46 -7.89 -24.25 -14.17
C LYS B 46 -7.29 -23.87 -12.80
N ILE B 47 -8.17 -23.76 -11.80
CA ILE B 47 -7.79 -23.47 -10.43
C ILE B 47 -8.55 -24.41 -9.48
N SER B 48 -7.94 -24.75 -8.34
CA SER B 48 -8.58 -25.62 -7.36
C SER B 48 -8.62 -24.99 -5.96
N LYS B 49 -9.69 -25.24 -5.20
CA LYS B 49 -9.78 -24.73 -3.82
C LYS B 49 -8.74 -25.38 -2.94
N ILE B 50 -8.13 -24.62 -2.04
CA ILE B 50 -7.01 -25.17 -1.30
C ILE B 50 -7.14 -24.98 0.22
N GLY B 51 -6.38 -25.78 0.95
CA GLY B 51 -6.47 -25.75 2.40
C GLY B 51 -5.54 -24.76 3.08
N PRO B 52 -5.56 -24.72 4.43
CA PRO B 52 -4.70 -23.84 5.22
C PRO B 52 -3.24 -24.27 5.17
N GLU B 53 -3.02 -25.49 4.71
CA GLU B 53 -1.66 -26.04 4.62
C GLU B 53 -0.84 -25.34 3.54
N ASN B 54 -1.44 -24.34 2.88
CA ASN B 54 -0.72 -23.51 1.93
C ASN B 54 -0.57 -22.08 2.47
N PRO B 55 0.64 -21.72 2.90
CA PRO B 55 0.92 -20.42 3.54
C PRO B 55 1.12 -19.24 2.58
N TYR B 56 1.01 -19.49 1.27
CA TYR B 56 1.42 -18.51 0.25
C TYR B 56 0.27 -17.66 -0.29
N ASN B 57 0.55 -16.40 -0.62
CA ASN B 57 -0.48 -15.59 -1.28
C ASN B 57 0.10 -14.60 -2.26
N THR B 58 -0.60 -14.41 -3.37
CA THR B 58 -0.38 -13.20 -4.14
C THR B 58 -1.74 -12.51 -4.32
N PRO B 59 -1.73 -11.19 -4.55
CA PRO B 59 -2.94 -10.37 -4.65
C PRO B 59 -3.64 -10.52 -6.00
N VAL B 60 -4.97 -10.50 -6.00
CA VAL B 60 -5.74 -10.54 -7.23
C VAL B 60 -6.70 -9.37 -7.26
N PHE B 61 -7.11 -8.98 -8.46
CA PHE B 61 -8.15 -7.98 -8.58
C PHE B 61 -8.79 -8.01 -9.97
N ALA B 62 -9.86 -7.25 -10.13
CA ALA B 62 -10.59 -7.21 -11.39
C ALA B 62 -10.43 -5.88 -12.09
N ILE B 63 -10.38 -5.95 -13.42
CA ILE B 63 -10.46 -4.78 -14.24
C ILE B 63 -11.51 -5.09 -15.27
N LYS B 64 -12.02 -4.09 -15.98
CA LYS B 64 -12.52 -4.34 -17.33
C LYS B 64 -11.55 -3.72 -18.33
N LYS B 65 -11.09 -4.55 -19.27
CA LYS B 65 -9.94 -4.21 -20.12
C LYS B 65 -10.04 -2.80 -20.66
N LYS B 66 -10.60 -2.62 -21.86
CA LYS B 66 -10.72 -1.28 -22.43
C LYS B 66 -12.01 -1.04 -23.22
N ASP B 67 -12.81 -0.08 -22.76
CA ASP B 67 -14.11 0.20 -23.37
C ASP B 67 -14.97 -1.07 -23.40
N SER B 68 -14.51 -2.09 -22.68
CA SER B 68 -15.18 -3.39 -22.65
C SER B 68 -16.04 -3.52 -21.40
N THR B 69 -17.30 -3.95 -21.57
CA THR B 69 -18.14 -4.31 -20.45
C THR B 69 -18.04 -5.82 -20.20
N LYS B 70 -16.87 -6.21 -19.69
CA LYS B 70 -16.58 -7.57 -19.22
C LYS B 70 -15.47 -7.47 -18.18
N TRP B 71 -15.70 -7.99 -16.99
CA TRP B 71 -14.65 -8.06 -15.97
C TRP B 71 -13.62 -9.10 -16.34
N ARG B 72 -12.37 -8.87 -15.99
CA ARG B 72 -11.31 -9.85 -16.20
C ARG B 72 -10.47 -9.96 -14.94
N LYS B 73 -10.26 -11.19 -14.48
CA LYS B 73 -9.34 -11.46 -13.37
C LYS B 73 -7.95 -10.95 -13.74
N LEU B 74 -7.21 -10.43 -12.75
CA LEU B 74 -5.82 -10.04 -12.96
C LEU B 74 -4.99 -10.28 -11.69
N VAL B 75 -3.90 -11.01 -11.83
CA VAL B 75 -3.20 -11.45 -10.64
C VAL B 75 -1.84 -10.80 -10.53
N ASP B 76 -1.56 -10.19 -9.38
CA ASP B 76 -0.29 -9.54 -9.20
C ASP B 76 0.83 -10.51 -8.85
N PHE B 77 1.50 -11.02 -9.88
CA PHE B 77 2.59 -11.95 -9.68
C PHE B 77 3.96 -11.28 -9.54
N ARG B 78 3.99 -10.04 -9.13
CA ARG B 78 5.29 -9.38 -9.05
C ARG B 78 6.24 -10.11 -8.10
N GLU B 79 5.75 -10.54 -6.96
CA GLU B 79 6.65 -11.18 -6.00
C GLU B 79 7.11 -12.54 -6.52
N LEU B 80 6.17 -13.41 -6.85
CA LEU B 80 6.51 -14.69 -7.46
C LEU B 80 7.48 -14.56 -8.64
N ASN B 81 7.20 -13.66 -9.56
CA ASN B 81 8.09 -13.47 -10.70
C ASN B 81 9.49 -13.20 -10.19
N LYS B 82 9.58 -12.38 -9.15
CA LYS B 82 10.85 -11.96 -8.63
C LYS B 82 11.52 -13.17 -8.00
N ARG B 83 10.70 -14.08 -7.48
CA ARG B 83 11.19 -15.19 -6.66
C ARG B 83 11.38 -16.47 -7.46
N THR B 84 11.20 -16.36 -8.78
CA THR B 84 11.46 -17.48 -9.68
C THR B 84 12.52 -17.08 -10.70
N GLN B 85 12.93 -15.81 -10.61
CA GLN B 85 13.51 -15.02 -11.71
C GLN B 85 14.66 -15.65 -12.50
N ASP B 86 15.39 -16.56 -11.86
CA ASP B 86 16.43 -17.32 -12.55
C ASP B 86 15.81 -18.06 -13.72
N PHE B 87 14.70 -18.74 -13.44
CA PHE B 87 14.09 -19.65 -14.38
C PHE B 87 13.61 -18.96 -15.67
N TRP B 88 12.88 -17.85 -15.53
CA TRP B 88 12.25 -17.20 -16.68
C TRP B 88 13.16 -16.25 -17.45
N GLU B 89 14.46 -16.32 -17.21
CA GLU B 89 15.37 -15.41 -17.88
C GLU B 89 16.67 -16.07 -18.37
N VAL B 90 17.26 -16.89 -17.50
CA VAL B 90 18.60 -17.44 -17.76
C VAL B 90 18.66 -18.97 -17.87
N GLN B 91 17.60 -19.57 -18.39
CA GLN B 91 17.59 -21.01 -18.67
C GLN B 91 16.87 -21.24 -20.00
N LEU B 92 15.55 -21.04 -19.98
CA LEU B 92 14.83 -20.64 -21.18
C LEU B 92 14.51 -19.17 -21.00
N GLY B 93 14.29 -18.48 -22.10
CA GLY B 93 14.06 -17.05 -22.06
C GLY B 93 13.78 -16.57 -23.47
N ILE B 94 13.05 -15.46 -23.58
CA ILE B 94 12.61 -14.99 -24.88
C ILE B 94 13.44 -13.80 -25.36
N PRO B 95 14.21 -13.99 -26.46
CA PRO B 95 15.14 -13.01 -27.03
C PRO B 95 14.42 -11.80 -27.61
N HIS B 96 14.97 -10.61 -27.42
CA HIS B 96 14.30 -9.39 -27.86
C HIS B 96 14.84 -8.81 -29.18
N PRO B 97 14.00 -8.79 -30.23
CA PRO B 97 14.33 -8.27 -31.56
C PRO B 97 14.62 -6.79 -31.53
N ALA B 98 15.85 -6.42 -31.91
CA ALA B 98 16.25 -5.02 -31.88
C ALA B 98 15.61 -4.23 -33.02
N GLY B 99 14.83 -4.92 -33.85
CA GLY B 99 14.20 -4.26 -34.98
C GLY B 99 12.76 -3.86 -34.72
N LEU B 100 12.09 -4.59 -33.83
CA LEU B 100 10.71 -4.29 -33.48
C LEU B 100 10.48 -2.79 -33.28
N LYS B 101 11.45 -2.09 -32.69
CA LYS B 101 11.29 -0.66 -32.39
C LYS B 101 11.44 0.26 -33.60
N LYS B 102 11.93 -0.31 -34.71
CA LYS B 102 12.13 0.44 -35.95
C LYS B 102 10.94 0.30 -36.89
N ASN B 103 10.00 -0.58 -36.57
CA ASN B 103 8.90 -0.86 -37.47
C ASN B 103 7.92 0.29 -37.66
N LYS B 104 7.27 0.28 -38.82
CA LYS B 104 6.29 1.29 -39.19
C LYS B 104 5.05 1.09 -38.33
N SER B 105 4.67 -0.17 -38.11
CA SER B 105 3.49 -0.49 -37.29
C SER B 105 3.68 -1.75 -36.46
N VAL B 106 3.29 -1.67 -35.20
CA VAL B 106 3.32 -2.82 -34.30
C VAL B 106 1.95 -3.08 -33.67
N THR B 107 1.45 -4.29 -33.82
CA THR B 107 0.16 -4.62 -33.20
C THR B 107 0.38 -5.48 -31.97
N VAL B 108 -0.33 -5.17 -30.89
CA VAL B 108 -0.23 -5.97 -29.67
C VAL B 108 -1.52 -6.77 -29.53
N LEU B 109 -1.41 -8.09 -29.45
CA LEU B 109 -2.58 -8.87 -29.16
C LEU B 109 -2.38 -9.89 -28.04
N ASP B 110 -3.47 -10.14 -27.33
CA ASP B 110 -3.46 -10.92 -26.09
C ASP B 110 -3.51 -12.41 -26.37
N VAL B 111 -2.46 -13.12 -25.99
CA VAL B 111 -2.43 -14.58 -26.19
C VAL B 111 -2.41 -15.29 -24.85
N GLY B 112 -2.80 -14.59 -23.79
CA GLY B 112 -2.74 -15.17 -22.46
C GLY B 112 -3.46 -16.50 -22.40
N ASP B 113 -4.67 -16.54 -22.94
CA ASP B 113 -5.51 -17.73 -22.82
C ASP B 113 -4.80 -19.03 -23.20
N ALA B 114 -3.85 -18.96 -24.12
CA ALA B 114 -3.08 -20.12 -24.53
C ALA B 114 -2.57 -20.87 -23.31
N TYR B 115 -2.04 -20.13 -22.35
CA TYR B 115 -1.46 -20.72 -21.14
C TYR B 115 -2.44 -21.63 -20.42
N PHE B 116 -3.72 -21.30 -20.49
CA PHE B 116 -4.74 -21.99 -19.73
C PHE B 116 -4.87 -23.48 -20.04
N SER B 117 -4.13 -23.92 -21.06
CA SER B 117 -4.27 -25.28 -21.57
C SER B 117 -3.06 -26.19 -21.29
N VAL B 118 -1.93 -25.60 -20.94
CA VAL B 118 -0.82 -26.38 -20.41
C VAL B 118 -1.00 -26.58 -18.90
N PRO B 119 -0.74 -27.80 -18.40
CA PRO B 119 -0.73 -28.02 -16.95
C PRO B 119 0.52 -27.45 -16.30
N LEU B 120 0.39 -27.05 -15.03
CA LEU B 120 1.53 -26.53 -14.29
C LEU B 120 2.17 -27.61 -13.41
N ASP B 121 3.49 -27.58 -13.30
CA ASP B 121 4.24 -28.48 -12.42
C ASP B 121 3.52 -28.55 -11.07
N GLU B 122 3.13 -29.77 -10.67
CA GLU B 122 2.29 -29.93 -9.49
C GLU B 122 3.03 -29.47 -8.24
N ASP B 123 4.34 -29.63 -8.24
CA ASP B 123 5.14 -29.25 -7.10
C ASP B 123 5.48 -27.77 -7.12
N PHE B 124 4.83 -27.03 -8.02
CA PHE B 124 4.98 -25.59 -8.04
C PHE B 124 3.65 -24.88 -7.81
N ARG B 125 2.54 -25.58 -8.01
CA ARG B 125 1.24 -24.96 -7.90
C ARG B 125 0.97 -24.24 -6.58
N LYS B 126 1.56 -24.73 -5.49
CA LYS B 126 1.26 -24.16 -4.18
C LYS B 126 1.75 -22.72 -4.06
N TYR B 127 2.60 -22.31 -4.98
CA TYR B 127 3.18 -20.98 -4.95
C TYR B 127 2.31 -19.96 -5.65
N THR B 128 1.20 -20.40 -6.21
CA THR B 128 0.37 -19.53 -7.03
C THR B 128 -0.95 -19.30 -6.34
N ALA B 129 -0.95 -19.48 -5.02
CA ALA B 129 -2.15 -19.32 -4.24
C ALA B 129 -2.55 -17.85 -4.19
N PHE B 130 -3.85 -17.60 -4.25
CA PHE B 130 -4.41 -16.26 -4.08
C PHE B 130 -5.73 -16.33 -3.33
N THR B 131 -6.17 -15.20 -2.78
CA THR B 131 -7.36 -15.16 -1.94
C THR B 131 -8.41 -14.20 -2.46
N ILE B 132 -9.66 -14.64 -2.50
CA ILE B 132 -10.77 -13.72 -2.68
C ILE B 132 -11.31 -13.29 -1.35
N PRO B 133 -11.09 -12.02 -1.00
CA PRO B 133 -11.44 -11.44 0.31
C PRO B 133 -12.92 -11.15 0.39
N SER B 134 -13.44 -11.08 1.60
CA SER B 134 -14.83 -10.67 1.76
C SER B 134 -14.92 -9.32 2.44
N ILE B 135 -16.04 -8.67 2.23
CA ILE B 135 -16.21 -7.34 2.74
C ILE B 135 -16.34 -7.36 4.25
N ASN B 136 -15.62 -6.46 4.90
CA ASN B 136 -15.59 -6.33 6.36
C ASN B 136 -15.06 -7.59 7.01
N ASN B 137 -14.34 -8.41 6.24
CA ASN B 137 -13.76 -9.61 6.81
C ASN B 137 -14.79 -10.44 7.54
N GLU B 138 -16.02 -10.51 7.04
CA GLU B 138 -17.11 -11.13 7.77
C GLU B 138 -17.08 -12.65 7.66
N THR B 139 -16.50 -13.13 6.56
CA THR B 139 -16.29 -14.56 6.33
C THR B 139 -14.87 -14.85 5.84
N PRO B 140 -14.44 -16.11 5.88
CA PRO B 140 -13.10 -16.44 5.36
C PRO B 140 -12.98 -16.30 3.84
N GLY B 141 -11.96 -15.61 3.40
CA GLY B 141 -11.76 -15.52 1.96
C GLY B 141 -11.71 -16.90 1.33
N ILE B 142 -12.05 -16.98 0.03
CA ILE B 142 -11.96 -18.20 -0.75
C ILE B 142 -10.55 -18.35 -1.29
N ARG B 143 -9.91 -19.49 -1.07
CA ARG B 143 -8.54 -19.65 -1.51
C ARG B 143 -8.39 -20.65 -2.64
N TYR B 144 -7.54 -20.33 -3.60
CA TYR B 144 -7.37 -21.13 -4.80
C TYR B 144 -5.90 -21.28 -5.15
N GLN B 145 -5.54 -22.39 -5.79
CA GLN B 145 -4.27 -22.49 -6.50
C GLN B 145 -4.54 -22.57 -7.99
N TYR B 146 -3.46 -22.48 -8.77
CA TYR B 146 -3.52 -22.71 -10.19
C TYR B 146 -3.09 -24.13 -10.54
N ASN B 147 -3.82 -24.76 -11.46
CA ASN B 147 -3.40 -26.06 -11.97
C ASN B 147 -2.69 -25.89 -13.30
N VAL B 148 -3.23 -25.01 -14.14
CA VAL B 148 -2.60 -24.71 -15.43
C VAL B 148 -1.64 -23.55 -15.26
N LEU B 149 -0.99 -23.16 -16.35
CA LEU B 149 -0.10 -22.01 -16.35
C LEU B 149 -0.93 -20.76 -16.18
N PRO B 150 -0.60 -19.95 -15.16
CA PRO B 150 -1.35 -18.72 -14.92
C PRO B 150 -0.90 -17.57 -15.83
N GLN B 151 -1.79 -16.64 -16.07
CA GLN B 151 -1.43 -15.39 -16.72
C GLN B 151 -0.77 -14.48 -15.68
N GLY B 152 0.19 -13.67 -16.12
CA GLY B 152 0.84 -12.75 -15.21
C GLY B 152 2.17 -13.30 -14.74
N TRP B 153 2.30 -14.61 -14.79
CA TRP B 153 3.49 -15.29 -14.30
C TRP B 153 4.53 -15.50 -15.38
N LYS B 154 5.74 -15.08 -15.10
CA LYS B 154 6.77 -15.10 -16.12
C LYS B 154 7.28 -16.52 -16.37
N GLY B 155 6.67 -17.51 -15.74
CA GLY B 155 6.96 -18.89 -16.08
C GLY B 155 6.23 -19.27 -17.36
N SER B 156 5.02 -18.76 -17.49
CA SER B 156 4.09 -19.21 -18.50
C SER B 156 4.56 -18.98 -19.95
N PRO B 157 4.97 -17.76 -20.28
CA PRO B 157 5.51 -17.66 -21.64
C PRO B 157 6.76 -18.53 -21.80
N ALA B 158 7.54 -18.64 -20.73
CA ALA B 158 8.76 -19.42 -20.76
C ALA B 158 8.48 -20.90 -21.02
N ILE B 159 7.44 -21.43 -20.38
CA ILE B 159 7.07 -22.85 -20.52
C ILE B 159 6.46 -23.09 -21.88
N PHE B 160 5.97 -22.03 -22.50
CA PHE B 160 5.19 -22.16 -23.71
C PHE B 160 6.02 -21.80 -24.94
N GLN B 161 7.24 -21.32 -24.71
CA GLN B 161 8.16 -20.96 -25.80
C GLN B 161 8.16 -22.05 -26.85
N SER B 162 8.24 -23.29 -26.41
CA SER B 162 8.29 -24.44 -27.29
C SER B 162 7.05 -24.49 -28.17
N SER B 163 5.89 -24.41 -27.54
CA SER B 163 4.64 -24.58 -28.25
C SER B 163 4.28 -23.36 -29.10
N MET B 164 4.82 -22.20 -28.72
CA MET B 164 4.48 -20.96 -29.42
C MET B 164 5.16 -20.85 -30.78
N THR B 165 6.46 -21.11 -30.82
CA THR B 165 7.13 -20.95 -32.09
C THR B 165 6.66 -22.04 -33.06
N LYS B 166 6.33 -23.21 -32.53
CA LYS B 166 5.65 -24.24 -33.29
C LYS B 166 4.40 -23.66 -33.99
N ILE B 167 3.57 -22.96 -33.21
CA ILE B 167 2.34 -22.37 -33.72
C ILE B 167 2.56 -21.27 -34.76
N LEU B 168 3.66 -20.54 -34.67
CA LEU B 168 3.87 -19.40 -35.54
C LEU B 168 4.75 -19.79 -36.72
N GLU B 169 5.30 -21.00 -36.66
CA GLU B 169 6.23 -21.52 -37.66
C GLU B 169 5.86 -21.16 -39.10
N PRO B 170 4.65 -21.55 -39.55
CA PRO B 170 4.32 -21.32 -40.96
C PRO B 170 4.19 -19.84 -41.30
N PHE B 171 3.53 -19.09 -40.42
CA PHE B 171 3.28 -17.68 -40.68
C PHE B 171 4.60 -16.93 -40.77
N ARG B 172 5.55 -17.33 -39.94
CA ARG B 172 6.90 -16.79 -40.04
C ARG B 172 7.56 -17.15 -41.37
N LYS B 173 7.44 -18.41 -41.78
CA LYS B 173 7.97 -18.84 -43.06
C LYS B 173 7.37 -17.98 -44.16
N GLN B 174 6.06 -17.76 -44.09
CA GLN B 174 5.31 -17.16 -45.20
C GLN B 174 5.43 -15.64 -45.29
N ASN B 175 5.79 -15.01 -44.17
CA ASN B 175 6.08 -13.59 -44.16
C ASN B 175 7.37 -13.40 -43.36
N PRO B 176 8.52 -13.65 -43.98
CA PRO B 176 9.78 -13.62 -43.21
C PRO B 176 10.14 -12.22 -42.70
N ASP B 177 9.60 -11.19 -43.35
CA ASP B 177 9.86 -9.81 -42.97
C ASP B 177 8.95 -9.27 -41.88
N ILE B 178 8.30 -10.15 -41.13
CA ILE B 178 7.43 -9.68 -40.07
C ILE B 178 7.94 -10.06 -38.70
N VAL B 179 7.89 -9.11 -37.78
CA VAL B 179 8.49 -9.33 -36.47
C VAL B 179 7.43 -9.70 -35.43
N ILE B 180 7.66 -10.82 -34.77
CA ILE B 180 6.79 -11.27 -33.72
C ILE B 180 7.58 -11.60 -32.46
N TYR B 181 7.34 -10.81 -31.42
CA TYR B 181 8.06 -10.92 -30.17
C TYR B 181 7.06 -11.20 -29.06
N GLN B 182 7.42 -12.05 -28.12
CA GLN B 182 6.52 -12.36 -27.02
C GLN B 182 6.99 -11.81 -25.70
N TYR B 183 6.07 -11.23 -24.95
CA TYR B 183 6.36 -10.74 -23.61
C TYR B 183 5.19 -11.00 -22.66
N MET B 184 5.38 -11.90 -21.70
CA MET B 184 4.28 -12.34 -20.85
C MET B 184 3.12 -12.87 -21.70
N ASP B 185 1.95 -12.27 -21.53
CA ASP B 185 0.72 -12.76 -22.17
C ASP B 185 0.48 -12.11 -23.53
N ASP B 186 1.41 -11.26 -23.96
CA ASP B 186 1.18 -10.51 -25.18
C ASP B 186 2.14 -10.90 -26.30
N LEU B 187 1.60 -10.88 -27.52
CA LEU B 187 2.39 -11.00 -28.74
C LEU B 187 2.57 -9.62 -29.37
N TYR B 188 3.80 -9.28 -29.73
CA TYR B 188 4.04 -8.03 -30.45
C TYR B 188 4.35 -8.34 -31.89
N VAL B 189 3.52 -7.82 -32.78
CA VAL B 189 3.63 -8.10 -34.21
C VAL B 189 3.81 -6.81 -34.96
N GLY B 190 4.94 -6.70 -35.66
CA GLY B 190 5.23 -5.48 -36.38
C GLY B 190 5.70 -5.69 -37.82
N SER B 191 5.55 -4.64 -38.62
CA SER B 191 5.90 -4.71 -40.02
C SER B 191 5.98 -3.30 -40.54
N ASP B 192 6.39 -3.17 -41.80
CA ASP B 192 6.50 -1.87 -42.44
C ASP B 192 5.46 -1.67 -43.53
N LEU B 193 4.57 -2.65 -43.68
CA LEU B 193 3.48 -2.58 -44.66
C LEU B 193 2.61 -1.34 -44.45
N GLU B 194 1.84 -0.97 -45.48
CA GLU B 194 0.87 0.12 -45.34
C GLU B 194 -0.17 -0.36 -44.35
N ILE B 195 -0.74 0.56 -43.59
CA ILE B 195 -1.53 0.19 -42.43
C ILE B 195 -2.60 -0.86 -42.77
N GLY B 196 -3.16 -0.77 -43.97
CA GLY B 196 -4.18 -1.73 -44.37
C GLY B 196 -3.64 -3.12 -44.63
N GLN B 197 -2.49 -3.21 -45.28
CA GLN B 197 -1.88 -4.50 -45.56
C GLN B 197 -1.36 -5.07 -44.25
N HIS B 198 -1.08 -4.17 -43.31
CA HIS B 198 -0.64 -4.56 -41.99
C HIS B 198 -1.78 -5.28 -41.28
N ARG B 199 -2.92 -4.62 -41.21
CA ARG B 199 -4.04 -5.18 -40.46
C ARG B 199 -4.47 -6.51 -41.06
N THR B 200 -4.33 -6.64 -42.37
CA THR B 200 -4.76 -7.84 -43.06
C THR B 200 -3.86 -8.97 -42.58
N LYS B 201 -2.58 -8.67 -42.44
CA LYS B 201 -1.62 -9.68 -42.02
C LYS B 201 -1.84 -10.08 -40.56
N ILE B 202 -2.59 -9.26 -39.83
CA ILE B 202 -2.94 -9.59 -38.46
C ILE B 202 -4.11 -10.59 -38.40
N GLU B 203 -5.12 -10.36 -39.22
CA GLU B 203 -6.23 -11.30 -39.27
C GLU B 203 -5.72 -12.66 -39.75
N GLU B 204 -4.82 -12.65 -40.73
CA GLU B 204 -4.21 -13.89 -41.20
C GLU B 204 -3.54 -14.57 -40.03
N LEU B 205 -2.91 -13.77 -39.18
CA LEU B 205 -2.21 -14.31 -38.04
C LEU B 205 -3.20 -14.88 -37.03
N ARG B 206 -4.31 -14.18 -36.79
CA ARG B 206 -5.21 -14.65 -35.75
C ARG B 206 -5.90 -15.95 -36.15
N GLN B 207 -6.00 -16.17 -37.45
CA GLN B 207 -6.53 -17.43 -37.96
C GLN B 207 -5.63 -18.57 -37.53
N HIS B 208 -4.32 -18.35 -37.61
CA HIS B 208 -3.38 -19.35 -37.15
C HIS B 208 -3.58 -19.62 -35.66
N LEU B 209 -3.54 -18.56 -34.85
CA LEU B 209 -3.80 -18.64 -33.42
C LEU B 209 -5.12 -19.34 -33.13
N LEU B 210 -6.17 -18.98 -33.88
CA LEU B 210 -7.53 -19.47 -33.62
C LEU B 210 -7.65 -21.00 -33.69
N ARG B 211 -6.70 -21.65 -34.36
CA ARG B 211 -6.67 -23.11 -34.45
C ARG B 211 -6.16 -23.74 -33.17
N TRP B 212 -5.68 -22.91 -32.26
CA TRP B 212 -5.09 -23.42 -31.02
C TRP B 212 -5.76 -22.79 -29.80
N GLY B 213 -6.71 -21.89 -30.07
CA GLY B 213 -7.29 -21.08 -29.01
C GLY B 213 -6.70 -19.67 -28.97
N LEU B 214 -7.36 -18.73 -29.65
CA LEU B 214 -7.15 -17.31 -29.44
C LEU B 214 -8.10 -16.45 -30.25
N THR B 215 -9.17 -15.97 -29.61
CA THR B 215 -10.10 -15.05 -30.25
C THR B 215 -9.78 -13.60 -29.88
N TYR B 232 -4.42 -3.40 -30.19
CA TYR B 232 -4.28 -2.03 -30.65
C TYR B 232 -2.97 -1.76 -31.42
N GLU B 233 -2.87 -0.57 -32.02
CA GLU B 233 -1.81 -0.26 -32.98
C GLU B 233 -0.74 0.72 -32.49
N LEU B 234 0.51 0.27 -32.52
CA LEU B 234 1.66 1.08 -32.15
C LEU B 234 2.38 1.52 -33.41
N HIS B 235 2.91 2.73 -33.38
CA HIS B 235 3.65 3.24 -34.51
C HIS B 235 4.99 3.77 -34.05
N PRO B 236 5.92 2.85 -33.72
CA PRO B 236 7.20 3.12 -33.07
C PRO B 236 8.12 4.13 -33.76
N ASP B 237 7.99 4.26 -35.08
CA ASP B 237 8.69 5.33 -35.80
C ASP B 237 8.28 6.68 -35.24
N LYS B 238 6.97 6.91 -35.21
CA LYS B 238 6.43 8.19 -34.77
C LYS B 238 6.76 8.45 -33.30
N TRP B 239 7.68 7.64 -32.78
CA TRP B 239 8.29 7.92 -31.48
C TRP B 239 9.55 8.75 -31.71
N THR B 240 9.51 9.99 -31.23
CA THR B 240 10.72 10.81 -31.15
C THR B 240 10.82 11.51 -29.80
N VAL B 241 12.04 11.92 -29.47
CA VAL B 241 12.38 12.48 -28.17
C VAL B 241 11.66 13.79 -27.84
N GLN B 242 11.54 14.09 -26.55
CA GLN B 242 11.20 15.45 -26.09
C GLN B 242 12.45 16.19 -25.63
N PRO B 243 13.07 16.97 -26.53
CA PRO B 243 14.27 17.69 -26.13
C PRO B 243 13.99 18.58 -24.92
N ILE B 244 15.04 18.90 -24.16
CA ILE B 244 14.90 19.98 -23.22
C ILE B 244 14.80 21.20 -24.10
N VAL B 245 13.67 21.89 -23.99
CA VAL B 245 13.37 22.97 -24.91
C VAL B 245 13.87 24.26 -24.28
N LEU B 246 14.55 25.07 -25.08
CA LEU B 246 15.05 26.34 -24.58
C LEU B 246 14.14 27.45 -25.04
N PRO B 247 13.63 28.25 -24.10
CA PRO B 247 12.65 29.26 -24.51
C PRO B 247 13.26 30.22 -25.53
N GLU B 248 12.54 30.48 -26.61
CA GLU B 248 12.95 31.50 -27.56
C GLU B 248 12.21 32.79 -27.23
N LYS B 249 12.92 33.91 -27.25
CA LYS B 249 12.37 35.15 -26.71
C LYS B 249 12.80 36.42 -27.43
N ASP B 250 11.95 37.43 -27.28
CA ASP B 250 12.06 38.72 -27.94
C ASP B 250 12.92 39.66 -27.10
N SER B 251 12.51 39.84 -25.85
CA SER B 251 13.35 40.48 -24.83
C SER B 251 13.86 39.40 -23.87
N TRP B 252 14.70 39.80 -22.92
CA TRP B 252 15.09 38.91 -21.84
C TRP B 252 15.21 39.69 -20.55
N THR B 253 14.58 39.21 -19.48
CA THR B 253 14.81 39.75 -18.15
C THR B 253 15.93 38.98 -17.47
N VAL B 254 16.46 39.56 -16.40
CA VAL B 254 17.50 38.87 -15.67
C VAL B 254 16.91 37.51 -15.26
N ASN B 255 15.73 37.57 -14.67
CA ASN B 255 15.00 36.38 -14.27
C ASN B 255 14.97 35.36 -15.39
N ASP B 256 14.53 35.79 -16.57
CA ASP B 256 14.43 34.89 -17.72
C ASP B 256 15.77 34.21 -17.98
N ILE B 257 16.86 34.94 -17.78
CA ILE B 257 18.17 34.39 -18.09
C ILE B 257 18.66 33.48 -16.98
N GLN B 258 18.37 33.86 -15.73
CA GLN B 258 18.67 33.02 -14.58
C GLN B 258 17.99 31.66 -14.76
N LYS B 259 16.70 31.70 -15.06
CA LYS B 259 15.96 30.50 -15.47
C LYS B 259 16.74 29.71 -16.50
N LEU B 260 17.17 30.42 -17.55
CA LEU B 260 17.92 29.81 -18.63
C LEU B 260 19.21 29.14 -18.15
N VAL B 261 19.98 29.85 -17.34
CA VAL B 261 21.28 29.35 -16.91
C VAL B 261 21.20 28.10 -16.03
N GLY B 262 20.21 28.06 -15.14
CA GLY B 262 20.03 26.87 -14.34
C GLY B 262 19.72 25.70 -15.24
N LYS B 263 18.93 25.97 -16.28
CA LYS B 263 18.39 24.91 -17.13
C LYS B 263 19.48 24.34 -18.03
N LEU B 264 20.39 25.21 -18.48
CA LEU B 264 21.58 24.76 -19.22
C LEU B 264 22.53 24.12 -18.24
N ASN B 265 22.56 24.67 -17.03
CA ASN B 265 23.42 24.21 -15.96
C ASN B 265 23.18 22.74 -15.70
N TRP B 266 21.91 22.35 -15.71
CA TRP B 266 21.52 20.98 -15.40
C TRP B 266 21.80 20.06 -16.59
N ALA B 267 21.54 20.54 -17.79
CA ALA B 267 21.77 19.74 -19.00
C ALA B 267 23.23 19.28 -19.09
N SER B 268 24.13 20.06 -18.52
CA SER B 268 25.54 19.74 -18.55
C SER B 268 25.82 18.44 -17.80
N GLN B 269 25.01 18.19 -16.77
CA GLN B 269 25.09 16.93 -16.03
C GLN B 269 24.59 15.78 -16.91
N ILE B 270 24.37 16.06 -18.19
CA ILE B 270 23.92 15.04 -19.13
C ILE B 270 24.71 15.14 -20.44
N TYR B 271 24.39 16.16 -21.23
CA TYR B 271 24.87 16.26 -22.60
C TYR B 271 26.26 16.88 -22.68
N PRO B 272 27.25 16.10 -23.14
CA PRO B 272 28.61 16.62 -23.33
C PRO B 272 28.66 17.76 -24.34
N GLY B 273 29.34 18.84 -24.00
CA GLY B 273 29.49 19.95 -24.93
C GLY B 273 28.73 21.18 -24.48
N ILE B 274 27.75 20.98 -23.61
CA ILE B 274 26.92 22.07 -23.10
C ILE B 274 27.78 23.18 -22.49
N LYS B 275 27.74 24.37 -23.08
CA LYS B 275 28.46 25.52 -22.54
C LYS B 275 27.50 26.54 -21.91
N VAL B 276 28.01 27.32 -20.96
CA VAL B 276 27.19 28.20 -20.12
C VAL B 276 27.81 29.58 -19.91
N ARG B 277 29.14 29.64 -19.96
CA ARG B 277 29.85 30.82 -19.45
C ARG B 277 29.42 32.12 -20.12
N GLN B 278 29.34 32.11 -21.44
CA GLN B 278 29.06 33.34 -22.20
C GLN B 278 27.70 33.91 -21.87
N LEU B 279 26.84 33.10 -21.27
CA LEU B 279 25.47 33.48 -21.01
C LEU B 279 25.30 34.09 -19.63
N CYS B 280 25.70 33.36 -18.59
CA CYS B 280 25.68 33.88 -17.23
C CYS B 280 26.66 35.04 -17.15
N LYS B 281 27.23 35.37 -18.31
CA LYS B 281 28.02 36.57 -18.50
C LYS B 281 27.20 37.81 -18.13
N LEU B 282 25.92 37.82 -18.49
CA LEU B 282 25.09 39.01 -18.45
C LEU B 282 24.48 39.24 -17.06
N LEU B 283 24.44 38.17 -16.27
CA LEU B 283 24.01 38.25 -14.87
C LEU B 283 25.16 38.76 -14.02
N ARG B 284 25.41 40.06 -14.07
CA ARG B 284 26.55 40.64 -13.39
C ARG B 284 26.09 41.62 -12.32
N GLY B 285 26.49 41.37 -11.08
CA GLY B 285 26.13 42.27 -10.00
C GLY B 285 24.69 42.06 -9.57
N THR B 286 24.13 43.01 -8.83
CA THR B 286 22.82 42.80 -8.24
C THR B 286 21.72 43.59 -8.97
N LYS B 287 21.25 43.02 -10.08
CA LYS B 287 20.22 43.66 -10.88
C LYS B 287 18.82 43.28 -10.39
N ALA B 288 17.81 44.07 -10.75
CA ALA B 288 16.43 43.70 -10.47
C ALA B 288 16.00 42.56 -11.39
N LEU B 289 15.24 41.61 -10.84
CA LEU B 289 14.83 40.43 -11.62
C LEU B 289 14.09 40.85 -12.88
N THR B 290 13.30 41.89 -12.77
CA THR B 290 12.47 42.36 -13.88
C THR B 290 13.24 43.18 -14.91
N GLU B 291 14.57 43.24 -14.79
CA GLU B 291 15.37 44.18 -15.57
C GLU B 291 15.76 43.66 -16.94
N VAL B 292 15.09 44.16 -17.98
CA VAL B 292 15.38 43.76 -19.36
C VAL B 292 16.83 44.07 -19.74
N ILE B 293 17.60 43.01 -20.02
CA ILE B 293 19.02 43.19 -20.39
C ILE B 293 19.35 42.58 -21.75
N PRO B 294 20.13 43.30 -22.57
CA PRO B 294 20.34 42.94 -23.98
C PRO B 294 20.96 41.56 -24.14
N LEU B 295 21.20 41.18 -25.40
CA LEU B 295 21.66 39.83 -25.71
C LEU B 295 22.83 39.85 -26.69
N THR B 296 24.04 39.60 -26.18
CA THR B 296 25.27 39.73 -26.98
C THR B 296 25.46 38.56 -27.93
N GLU B 297 26.29 38.78 -28.95
CA GLU B 297 26.47 37.82 -30.04
C GLU B 297 27.05 36.48 -29.56
N GLU B 298 27.96 36.54 -28.61
CA GLU B 298 28.56 35.32 -28.07
C GLU B 298 27.52 34.46 -27.39
N ALA B 299 26.63 35.10 -26.64
CA ALA B 299 25.56 34.40 -25.96
C ALA B 299 24.51 33.91 -26.96
N GLU B 300 24.14 34.78 -27.90
CA GLU B 300 23.19 34.41 -28.94
C GLU B 300 23.70 33.18 -29.69
N LEU B 301 25.01 32.97 -29.66
CA LEU B 301 25.65 31.85 -30.37
C LEU B 301 25.74 30.61 -29.48
N GLU B 302 26.22 30.80 -28.26
CA GLU B 302 26.29 29.73 -27.28
C GLU B 302 24.89 29.16 -27.03
N LEU B 303 23.89 30.02 -27.10
CA LEU B 303 22.50 29.62 -26.91
C LEU B 303 22.10 28.60 -27.98
N ALA B 304 22.26 28.99 -29.24
CA ALA B 304 21.92 28.14 -30.36
C ALA B 304 22.70 26.83 -30.29
N GLU B 305 23.94 26.92 -29.84
CA GLU B 305 24.82 25.76 -29.84
C GLU B 305 24.22 24.61 -29.06
N ASN B 306 23.91 24.85 -27.78
CA ASN B 306 23.25 23.86 -26.95
C ASN B 306 21.99 23.37 -27.65
N ARG B 307 21.29 24.29 -28.28
CA ARG B 307 19.95 24.02 -28.80
C ARG B 307 19.97 22.73 -29.61
N GLU B 308 21.04 22.53 -30.37
CA GLU B 308 21.16 21.36 -31.22
C GLU B 308 21.72 20.16 -30.47
N ILE B 309 22.48 20.41 -29.40
CA ILE B 309 22.95 19.31 -28.59
C ILE B 309 21.77 18.58 -27.94
N LEU B 310 20.86 19.35 -27.36
CA LEU B 310 19.68 18.77 -26.69
C LEU B 310 18.80 18.04 -27.71
N LYS B 311 18.74 18.61 -28.90
CA LYS B 311 18.05 17.99 -30.03
C LYS B 311 18.49 16.53 -30.14
N GLU B 312 19.77 16.29 -29.85
CA GLU B 312 20.44 15.03 -30.15
C GLU B 312 20.41 14.02 -29.02
N PRO B 313 20.61 12.74 -29.36
CA PRO B 313 20.69 11.69 -28.33
C PRO B 313 21.90 11.91 -27.43
N VAL B 314 21.77 11.54 -26.15
CA VAL B 314 22.86 11.79 -25.22
C VAL B 314 24.08 11.00 -25.66
N HIS B 315 25.15 11.71 -26.00
CA HIS B 315 26.38 11.02 -26.35
C HIS B 315 26.95 10.40 -25.09
N GLY B 316 27.20 9.09 -25.18
CA GLY B 316 27.88 8.40 -24.09
C GLY B 316 27.00 7.38 -23.41
N VAL B 317 25.70 7.46 -23.63
CA VAL B 317 24.79 6.56 -22.93
C VAL B 317 24.34 5.37 -23.76
N TYR B 318 24.33 4.20 -23.12
CA TYR B 318 23.95 2.95 -23.75
C TYR B 318 23.17 2.11 -22.76
N TYR B 319 22.28 1.27 -23.31
CA TYR B 319 21.46 0.39 -22.50
C TYR B 319 22.28 -0.78 -21.98
N ASP B 320 22.24 -0.98 -20.66
CA ASP B 320 22.87 -2.15 -20.10
C ASP B 320 21.83 -3.18 -19.73
N PRO B 321 21.85 -4.33 -20.42
CA PRO B 321 20.95 -5.47 -20.24
C PRO B 321 20.96 -6.14 -18.86
N SER B 322 21.94 -5.82 -18.04
CA SER B 322 22.06 -6.42 -16.72
C SER B 322 21.49 -5.51 -15.65
N LYS B 323 20.91 -4.39 -16.05
CA LYS B 323 20.52 -3.35 -15.10
C LYS B 323 19.07 -2.97 -15.21
N ASP B 324 18.43 -2.77 -14.05
CA ASP B 324 17.02 -2.35 -14.02
C ASP B 324 16.87 -1.04 -14.76
N LEU B 325 15.77 -0.91 -15.50
CA LEU B 325 15.40 0.37 -16.07
C LEU B 325 14.61 1.11 -15.02
N ILE B 326 14.81 2.43 -14.98
CA ILE B 326 14.03 3.30 -14.12
C ILE B 326 13.31 4.30 -14.99
N ALA B 327 12.07 4.60 -14.64
CA ALA B 327 11.38 5.68 -15.32
C ALA B 327 10.79 6.57 -14.27
N GLU B 328 10.83 7.87 -14.55
CA GLU B 328 10.44 8.91 -13.61
C GLU B 328 9.44 9.83 -14.31
N ILE B 329 8.44 10.29 -13.58
CA ILE B 329 7.38 11.11 -14.17
C ILE B 329 7.13 12.39 -13.38
N GLN B 330 7.10 13.53 -14.07
CA GLN B 330 6.77 14.80 -13.41
C GLN B 330 5.35 15.21 -13.80
N LYS B 331 4.65 15.89 -12.90
CA LYS B 331 3.37 16.46 -13.27
C LYS B 331 3.62 17.88 -13.77
N GLN B 332 3.08 18.20 -14.94
CA GLN B 332 3.27 19.53 -15.50
C GLN B 332 2.04 20.40 -15.29
N GLY B 333 0.89 19.75 -15.07
CA GLY B 333 -0.35 20.50 -14.92
C GLY B 333 -0.98 20.66 -16.28
N GLN B 334 -2.24 21.09 -16.33
CA GLN B 334 -2.96 21.15 -17.60
C GLN B 334 -2.85 19.85 -18.39
N GLY B 335 -2.76 18.72 -17.68
CA GLY B 335 -2.79 17.43 -18.36
C GLY B 335 -1.52 17.01 -19.06
N GLN B 336 -0.43 17.74 -18.84
CA GLN B 336 0.86 17.38 -19.41
C GLN B 336 1.65 16.54 -18.41
N TRP B 337 2.45 15.60 -18.91
CA TRP B 337 3.31 14.81 -18.05
C TRP B 337 4.58 14.53 -18.82
N THR B 338 5.72 14.83 -18.22
CA THR B 338 6.98 14.50 -18.82
C THR B 338 7.48 13.24 -18.15
N TYR B 339 8.42 12.56 -18.79
CA TYR B 339 9.02 11.38 -18.19
C TYR B 339 10.35 11.08 -18.83
N GLN B 340 11.21 10.40 -18.08
CA GLN B 340 12.53 10.05 -18.59
C GLN B 340 12.79 8.59 -18.24
N ILE B 341 13.63 7.93 -19.03
CA ILE B 341 14.00 6.55 -18.73
C ILE B 341 15.51 6.42 -18.63
N TYR B 342 15.98 5.79 -17.57
CA TYR B 342 17.41 5.66 -17.34
C TYR B 342 17.79 4.48 -16.47
N GLN B 343 19.07 4.13 -16.50
CA GLN B 343 19.59 3.12 -15.59
C GLN B 343 20.49 3.71 -14.53
N GLU B 344 21.34 4.65 -14.92
CA GLU B 344 22.00 5.50 -13.94
C GLU B 344 21.55 6.95 -14.16
N PRO B 345 21.19 7.66 -13.08
CA PRO B 345 20.49 8.95 -13.15
C PRO B 345 21.16 10.01 -14.00
N PHE B 346 20.32 10.68 -14.81
CA PHE B 346 20.76 11.72 -15.74
C PHE B 346 21.20 11.20 -17.10
N LYS B 347 21.79 10.02 -17.13
CA LYS B 347 22.13 9.37 -18.38
C LYS B 347 20.87 8.77 -19.03
N ASN B 348 20.09 9.64 -19.69
CA ASN B 348 18.76 9.30 -20.20
C ASN B 348 18.79 8.49 -21.49
N LEU B 349 18.23 7.28 -21.45
CA LEU B 349 18.01 6.51 -22.68
C LEU B 349 16.86 7.10 -23.50
N LYS B 350 15.86 7.66 -22.83
CA LYS B 350 14.68 8.17 -23.51
C LYS B 350 13.92 9.17 -22.67
N THR B 351 13.36 10.18 -23.34
CA THR B 351 12.55 11.16 -22.65
C THR B 351 11.32 11.43 -23.50
N GLY B 352 10.26 11.91 -22.89
CA GLY B 352 9.04 12.08 -23.63
C GLY B 352 7.99 12.81 -22.81
N LYS B 353 6.89 13.12 -23.46
CA LYS B 353 5.74 13.70 -22.81
C LYS B 353 4.54 12.82 -23.12
N TYR B 354 3.39 13.20 -22.59
CA TYR B 354 2.15 12.45 -22.74
C TYR B 354 1.07 13.39 -22.23
N ALA B 355 -0.05 13.47 -22.93
CA ALA B 355 -1.02 14.50 -22.60
C ALA B 355 -2.49 14.11 -22.75
N ARG B 356 -3.32 14.62 -21.84
CA ARG B 356 -4.77 14.48 -21.91
C ARG B 356 -5.22 13.07 -22.26
N HIS B 361 -14.04 13.13 -18.21
CA HIS B 361 -13.70 11.75 -17.90
C HIS B 361 -12.41 11.63 -17.07
N THR B 362 -11.67 12.73 -16.93
CA THR B 362 -10.29 12.69 -16.45
C THR B 362 -10.01 13.39 -15.11
N ASN B 363 -8.77 13.27 -14.64
CA ASN B 363 -8.46 12.78 -13.30
C ASN B 363 -6.93 12.66 -13.19
N ASP B 364 -6.35 13.26 -12.17
CA ASP B 364 -4.89 13.28 -12.04
C ASP B 364 -4.31 11.88 -12.04
N VAL B 365 -4.96 10.98 -11.30
CA VAL B 365 -4.49 9.62 -11.15
C VAL B 365 -4.77 8.81 -12.41
N LYS B 366 -5.92 9.02 -13.03
CA LYS B 366 -6.23 8.32 -14.27
C LYS B 366 -5.10 8.54 -15.29
N GLN B 367 -4.68 9.80 -15.43
CA GLN B 367 -3.67 10.19 -16.40
C GLN B 367 -2.34 9.47 -16.18
N LEU B 368 -1.94 9.40 -14.91
CA LEU B 368 -0.65 8.86 -14.53
C LEU B 368 -0.66 7.38 -14.85
N THR B 369 -1.75 6.75 -14.48
CA THR B 369 -1.95 5.32 -14.66
C THR B 369 -1.94 4.98 -16.15
N GLU B 370 -2.48 5.87 -16.96
CA GLU B 370 -2.39 5.71 -18.39
C GLU B 370 -0.95 5.94 -18.86
N ALA B 371 -0.30 6.97 -18.32
CA ALA B 371 1.07 7.32 -18.69
C ALA B 371 2.02 6.19 -18.35
N VAL B 372 1.83 5.61 -17.18
CA VAL B 372 2.60 4.44 -16.77
C VAL B 372 2.49 3.34 -17.81
N GLN B 373 1.26 2.95 -18.12
CA GLN B 373 1.04 1.94 -19.15
C GLN B 373 1.64 2.33 -20.51
N LYS B 374 1.50 3.58 -20.88
CA LYS B 374 2.10 4.02 -22.11
C LYS B 374 3.62 3.78 -22.05
N ILE B 375 4.28 4.35 -21.05
CA ILE B 375 5.73 4.28 -20.96
C ILE B 375 6.15 2.81 -20.87
N THR B 376 5.40 2.03 -20.12
CA THR B 376 5.73 0.62 -19.98
C THR B 376 5.71 -0.09 -21.33
N THR B 377 4.65 0.13 -22.10
CA THR B 377 4.53 -0.42 -23.45
C THR B 377 5.74 -0.05 -24.32
N GLU B 378 6.03 1.24 -24.45
CA GLU B 378 7.21 1.66 -25.20
C GLU B 378 8.46 0.97 -24.68
N SER B 379 8.52 0.84 -23.36
CA SER B 379 9.69 0.29 -22.72
C SER B 379 9.88 -1.18 -23.07
N ILE B 380 8.78 -1.91 -23.23
CA ILE B 380 8.89 -3.33 -23.57
C ILE B 380 9.32 -3.51 -25.02
N VAL B 381 8.78 -2.66 -25.89
CA VAL B 381 9.06 -2.77 -27.30
C VAL B 381 10.52 -2.50 -27.52
N ILE B 382 11.04 -1.53 -26.78
CA ILE B 382 12.40 -1.07 -27.03
C ILE B 382 13.46 -1.97 -26.43
N TRP B 383 13.25 -2.42 -25.19
CA TRP B 383 14.25 -3.23 -24.50
C TRP B 383 13.77 -4.62 -24.05
N GLY B 384 12.48 -4.92 -24.21
CA GLY B 384 12.01 -6.22 -23.78
C GLY B 384 11.97 -6.27 -22.27
N LYS B 385 11.90 -5.10 -21.64
CA LYS B 385 12.06 -4.99 -20.20
C LYS B 385 11.07 -3.98 -19.63
N THR B 386 10.50 -4.26 -18.47
CA THR B 386 9.62 -3.31 -17.79
C THR B 386 10.40 -2.42 -16.82
N PRO B 387 10.20 -1.09 -16.91
CA PRO B 387 10.91 -0.16 -16.03
C PRO B 387 10.38 -0.23 -14.60
N LYS B 388 11.11 0.40 -13.69
CA LYS B 388 10.67 0.51 -12.32
C LYS B 388 10.33 1.97 -12.13
N PHE B 389 9.07 2.26 -11.81
CA PHE B 389 8.60 3.64 -11.84
C PHE B 389 8.74 4.41 -10.55
N LYS B 390 9.26 5.63 -10.67
CA LYS B 390 9.22 6.58 -9.57
C LYS B 390 7.99 7.45 -9.73
N LEU B 391 6.92 7.13 -9.00
CA LEU B 391 5.64 7.81 -9.17
C LEU B 391 5.47 9.03 -8.26
N PRO B 392 5.23 10.21 -8.86
CA PRO B 392 5.01 11.49 -8.17
C PRO B 392 3.64 11.59 -7.52
N ILE B 393 3.39 10.75 -6.53
CA ILE B 393 2.09 10.70 -5.89
C ILE B 393 2.25 10.05 -4.52
N GLN B 394 1.32 10.39 -3.62
CA GLN B 394 1.28 9.80 -2.29
C GLN B 394 0.94 8.31 -2.41
N LYS B 395 1.75 7.47 -1.77
CA LYS B 395 1.66 6.03 -1.90
C LYS B 395 0.22 5.58 -1.76
N GLU B 396 -0.42 6.06 -0.70
CA GLU B 396 -1.73 5.56 -0.31
C GLU B 396 -2.80 5.95 -1.31
N THR B 397 -2.66 7.13 -1.91
CA THR B 397 -3.60 7.56 -2.94
C THR B 397 -3.52 6.65 -4.16
N TRP B 398 -2.31 6.49 -4.69
CA TRP B 398 -2.10 5.57 -5.81
C TRP B 398 -2.72 4.20 -5.58
N GLU B 399 -2.47 3.62 -4.40
CA GLU B 399 -2.93 2.26 -4.11
C GLU B 399 -4.44 2.16 -4.14
N THR B 400 -5.10 3.13 -3.51
CA THR B 400 -6.56 3.18 -3.53
C THR B 400 -7.11 3.15 -4.97
N TRP B 401 -6.48 3.87 -5.89
CA TRP B 401 -7.12 4.13 -7.18
C TRP B 401 -6.56 3.44 -8.45
N TRP B 402 -5.28 3.07 -8.50
CA TRP B 402 -4.68 2.71 -9.77
C TRP B 402 -5.40 1.54 -10.42
N THR B 403 -5.78 0.56 -9.62
CA THR B 403 -6.53 -0.59 -10.14
C THR B 403 -7.84 -0.21 -10.82
N GLU B 404 -8.14 1.08 -10.88
CA GLU B 404 -9.42 1.52 -11.44
C GLU B 404 -9.27 1.91 -12.90
N TYR B 405 -8.06 2.27 -13.29
CA TYR B 405 -7.83 2.73 -14.64
C TYR B 405 -6.92 1.77 -15.37
N TRP B 406 -6.40 0.79 -14.62
CA TRP B 406 -5.48 -0.21 -15.16
C TRP B 406 -6.11 -1.16 -16.16
N GLN B 407 -5.56 -1.21 -17.37
CA GLN B 407 -6.08 -2.09 -18.40
C GLN B 407 -5.02 -3.00 -18.97
N ALA B 408 -3.85 -3.04 -18.34
CA ALA B 408 -2.78 -3.89 -18.83
C ALA B 408 -2.80 -5.21 -18.06
N THR B 409 -2.06 -6.19 -18.58
CA THR B 409 -2.08 -7.53 -18.01
C THR B 409 -0.80 -7.85 -17.25
N TRP B 410 0.18 -6.94 -17.35
CA TRP B 410 1.34 -6.95 -16.46
C TRP B 410 1.22 -5.81 -15.44
N ILE B 411 2.12 -5.77 -14.47
CA ILE B 411 2.19 -4.63 -13.58
C ILE B 411 3.65 -4.35 -13.33
N PRO B 412 4.12 -3.14 -13.68
CA PRO B 412 5.53 -2.78 -13.44
C PRO B 412 5.79 -2.67 -11.95
N GLU B 413 7.04 -2.44 -11.58
CA GLU B 413 7.34 -2.07 -10.19
C GLU B 413 7.33 -0.57 -10.01
N TRP B 414 6.78 -0.12 -8.88
CA TRP B 414 6.78 1.31 -8.62
C TRP B 414 7.16 1.66 -7.21
N GLU B 415 7.79 2.81 -7.05
CA GLU B 415 7.96 3.43 -5.74
C GLU B 415 7.62 4.92 -5.82
N PHE B 416 7.20 5.48 -4.71
CA PHE B 416 6.61 6.81 -4.72
C PHE B 416 7.60 7.85 -4.24
N VAL B 417 7.50 9.05 -4.77
CA VAL B 417 8.52 10.02 -4.44
C VAL B 417 8.02 11.42 -4.76
N ASN B 418 8.36 12.38 -3.92
CA ASN B 418 8.11 13.78 -4.23
C ASN B 418 9.11 14.20 -5.30
N THR B 419 8.66 15.00 -6.25
CA THR B 419 9.52 15.48 -7.33
C THR B 419 10.26 16.76 -6.92
N PRO B 420 11.59 16.72 -6.93
CA PRO B 420 12.24 18.00 -6.61
C PRO B 420 11.78 19.05 -7.60
N PRO B 421 11.40 20.24 -7.09
CA PRO B 421 10.72 21.31 -7.83
C PRO B 421 11.48 21.77 -9.07
N LEU B 422 12.81 21.73 -8.99
CA LEU B 422 13.64 22.19 -10.08
C LEU B 422 13.46 21.28 -11.30
N VAL B 423 13.72 19.98 -11.11
CA VAL B 423 13.58 18.96 -12.15
C VAL B 423 12.30 19.14 -12.99
N LYS B 424 11.18 19.29 -12.30
CA LYS B 424 9.89 19.47 -12.95
C LYS B 424 9.99 20.43 -14.14
N LEU B 425 10.69 21.54 -13.95
CA LEU B 425 10.69 22.60 -14.95
C LEU B 425 11.86 22.49 -15.93
N TRP B 426 12.99 21.93 -15.48
CA TRP B 426 14.09 21.67 -16.39
C TRP B 426 13.64 20.73 -17.52
N TYR B 427 12.52 20.03 -17.29
CA TYR B 427 11.94 19.13 -18.28
C TYR B 427 10.66 19.64 -18.92
N GLN B 428 10.13 20.76 -18.46
CA GLN B 428 8.87 21.27 -18.99
C GLN B 428 9.04 21.64 -20.46
N LEU B 429 7.93 21.65 -21.19
CA LEU B 429 7.99 21.87 -22.63
C LEU B 429 7.78 23.33 -23.01
C1 T27 C . -22.22 -12.00 13.87
N2 T27 C . -24.23 -8.91 9.69
C3 T27 C . -20.69 -11.11 15.62
C4 T27 C . -19.77 -10.64 14.63
C5 T27 C . -20.06 -10.83 13.24
C6 T27 C . -21.30 -11.51 12.82
C7 T27 C . -23.52 -12.74 13.55
C2 T27 C . -21.91 -11.80 15.23
C8 T27 C . -19.07 -10.31 12.21
N1 T27 C . -21.58 -11.69 11.47
C9 T27 C . -23.36 -9.68 8.86
C10 T27 C . -22.45 -10.62 9.43
C11 T27 C . -22.44 -10.78 10.85
N3 T27 C . -23.31 -10.01 11.67
C12 T27 C . -24.22 -9.05 11.13
N4 T27 C . -25.09 -8.28 11.94
C13 T27 C . -25.62 -8.32 16.21
C14 T27 C . -24.65 -9.17 15.62
C15 T27 C . -24.47 -9.16 14.22
C16 T27 C . -25.24 -8.30 13.33
C17 T27 C . -26.21 -7.42 13.94
C18 T27 C . -26.41 -7.43 15.37
N5 T27 C . -25.90 -8.39 18.80
C19 T27 C . -25.80 -8.35 17.65
C20 T27 C . -21.22 -11.31 18.05
C21 T27 C . -20.38 -10.90 17.10
N6 T27 C . -20.57 -10.99 20.53
C22 T27 C . -20.88 -11.11 19.42
S SO4 D . 13.12 48.26 -8.23
O1 SO4 D . 13.69 47.98 -6.91
O2 SO4 D . 12.35 49.52 -8.14
O3 SO4 D . 12.21 47.19 -8.65
O4 SO4 D . 14.19 48.36 -9.24
S SO4 E . 9.11 49.28 -1.70
O1 SO4 E . 8.94 47.85 -1.40
O2 SO4 E . 9.22 49.46 -3.17
O3 SO4 E . 10.32 49.79 -1.03
O4 SO4 E . 7.92 50.02 -1.21
S SO4 F . 18.25 49.27 -10.08
O1 SO4 F . 18.66 49.61 -8.71
O2 SO4 F . 16.79 49.35 -10.19
O3 SO4 F . 18.69 47.91 -10.43
O4 SO4 F . 18.85 50.24 -11.02
S SO4 G . 14.79 25.25 13.99
O1 SO4 G . 15.96 25.26 14.87
O2 SO4 G . 15.24 25.11 12.58
O3 SO4 G . 14.03 26.51 14.15
O4 SO4 G . 13.91 24.11 14.33
S SO4 H . 1.45 5.74 -30.76
O1 SO4 H . 0.61 5.69 -31.97
O2 SO4 H . 1.81 7.15 -30.49
O3 SO4 H . 0.67 5.22 -29.62
O4 SO4 H . 2.67 4.92 -30.99
#